data_5L90
#
_entry.id   5L90
#
_cell.length_a   121.288
_cell.length_b   121.288
_cell.length_c   144.161
_cell.angle_alpha   90.000
_cell.angle_beta   90.000
_cell.angle_gamma   120.000
#
_symmetry.space_group_name_H-M   'P 32 2 1'
#
loop_
_entity.id
_entity.type
_entity.pdbx_description
1 polymer 'Cytochrome P450'
2 non-polymer 'PROTOPORPHYRIN IX CONTAINING FE'
3 water water
#
_entity_poly.entity_id   1
_entity_poly.type   'polypeptide(L)'
_entity_poly.pdbx_seq_one_letter_code
;MKTERENGIVRQVNTIQTKEERFNPFSWYEEMRNTAPVQWDEERQVWDVFHYDGVKEVLEQKNIFSSDRRPPQNQRQTAL
GTSLINIDPPKHAEMRALVNKAFTPKAMKAWEPKIARITNELLQEVEHLEDIDIVEHLSYPLPVMVIADILGVPIEDQRQ
FKDWSDIIVAGPSNNERETLEKLQQEKMKANDELETYFYRIIEEKRTRPGDDIISVLLQAKEEGKQLTDEEIVGFSILLL
IAGNETTTNLISNTIYCLMEDKASFERLKREKELLPSGIEEVLRYRSPVQALHRIVKEDVTLAGKKLKAGEHVVPWMGSA
HRDAEYFEDPEVFKIDRKPNVHMAFGRGIHFCLGAPLARIEAKIMLAELIDRYPQMDWSPSFELKPIESTFVYGLKELLI
RKNVHHHHHH
;
_entity_poly.pdbx_strand_id   A,B
#
loop_
_chem_comp.id
_chem_comp.type
_chem_comp.name
_chem_comp.formula
HEM non-polymer 'PROTOPORPHYRIN IX CONTAINING FE' 'C34 H32 Fe N4 O4'
#
# COMPACT_ATOMS: atom_id res chain seq x y z
N GLU A 21 37.96 1.91 -12.43
CA GLU A 21 36.80 2.72 -12.74
C GLU A 21 35.95 3.16 -11.52
N ARG A 22 35.44 4.39 -11.58
CA ARG A 22 34.72 5.01 -10.48
C ARG A 22 33.23 4.75 -10.51
N PHE A 23 32.73 4.11 -11.56
CA PHE A 23 31.34 3.67 -11.51
C PHE A 23 31.27 2.25 -11.00
N ASN A 24 32.36 1.81 -10.34
CA ASN A 24 32.44 0.45 -9.83
C ASN A 24 33.19 0.37 -8.51
N PRO A 25 32.56 0.78 -7.43
CA PRO A 25 33.22 0.58 -6.14
C PRO A 25 32.96 -0.80 -5.58
N PHE A 26 32.26 -1.63 -6.33
CA PHE A 26 31.80 -2.89 -5.77
C PHE A 26 32.91 -3.89 -5.69
N SER A 27 33.94 -3.76 -6.53
CA SER A 27 35.11 -4.60 -6.38
C SER A 27 35.78 -4.37 -5.04
N TRP A 28 36.01 -3.10 -4.70
CA TRP A 28 36.62 -2.79 -3.42
C TRP A 28 35.77 -3.26 -2.26
N TYR A 29 34.44 -3.06 -2.30
CA TYR A 29 33.60 -3.56 -1.21
C TYR A 29 33.81 -5.05 -0.98
N GLU A 30 33.90 -5.82 -2.07
CA GLU A 30 34.05 -7.29 -1.98
C GLU A 30 35.36 -7.66 -1.28
N GLU A 31 36.46 -7.09 -1.75
CA GLU A 31 37.74 -7.24 -1.10
C GLU A 31 37.67 -6.95 0.39
N MET A 32 36.94 -5.90 0.81
CA MET A 32 36.84 -5.56 2.22
C MET A 32 35.87 -6.47 2.97
N ARG A 33 34.78 -6.87 2.36
CA ARG A 33 33.90 -7.81 3.04
C ARG A 33 34.60 -9.13 3.29
N ASN A 34 35.55 -9.48 2.42
CA ASN A 34 36.15 -10.81 2.42
C ASN A 34 37.39 -10.90 3.32
N THR A 35 37.86 -9.75 3.82
CA THR A 35 39.02 -9.63 4.70
C THR A 35 38.68 -9.02 6.03
N ALA A 36 38.04 -7.85 6.04
CA ALA A 36 37.76 -7.13 7.28
C ALA A 36 36.44 -6.37 7.22
N PRO A 37 35.31 -7.04 7.31
CA PRO A 37 34.08 -6.27 7.15
C PRO A 37 33.97 -5.09 8.09
N VAL A 38 34.56 -5.11 9.27
CA VAL A 38 34.62 -3.91 10.14
C VAL A 38 36.07 -3.50 10.29
N GLN A 39 36.41 -2.33 9.74
CA GLN A 39 37.81 -1.92 9.83
C GLN A 39 38.00 -0.41 10.05
N TRP A 40 38.96 -0.07 10.90
CA TRP A 40 39.32 1.32 11.17
C TRP A 40 40.10 1.90 9.99
N ASP A 41 39.70 3.11 9.51
CA ASP A 41 40.47 3.84 8.50
C ASP A 41 41.18 4.99 9.19
N GLU A 42 42.53 4.96 9.15
CA GLU A 42 43.30 5.94 9.90
C GLU A 42 43.25 7.33 9.25
N GLU A 43 43.28 7.42 7.92
CA GLU A 43 43.10 8.73 7.31
C GLU A 43 41.71 9.32 7.58
N ARG A 44 40.64 8.61 7.23
CA ARG A 44 39.32 9.23 7.39
C ARG A 44 38.82 9.23 8.83
N GLN A 45 39.53 8.57 9.73
CA GLN A 45 39.16 8.50 11.15
C GLN A 45 37.75 7.95 11.33
N VAL A 46 37.46 6.84 10.65
CA VAL A 46 36.15 6.19 10.75
C VAL A 46 36.29 4.68 10.74
N TRP A 47 35.33 4.07 11.38
CA TRP A 47 35.09 2.65 11.29
C TRP A 47 34.18 2.35 10.10
N ASP A 48 34.72 1.71 9.06
CA ASP A 48 33.89 1.24 7.95
C ASP A 48 33.21 -0.13 8.29
N VAL A 49 31.98 -0.32 7.79
CA VAL A 49 31.20 -1.53 8.01
C VAL A 49 30.64 -2.00 6.66
N PHE A 50 31.18 -3.10 6.17
CA PHE A 50 30.88 -3.55 4.83
C PHE A 50 29.94 -4.71 4.72
N HIS A 51 29.54 -5.34 5.83
CA HIS A 51 28.83 -6.62 5.75
C HIS A 51 27.40 -6.42 6.17
N TYR A 52 26.52 -7.14 5.51
CA TYR A 52 25.10 -6.85 5.70
C TYR A 52 24.71 -6.73 7.15
N ASP A 53 24.92 -7.79 7.92
CA ASP A 53 24.46 -7.77 9.30
C ASP A 53 25.07 -6.62 10.11
N GLY A 54 26.28 -6.18 9.75
CA GLY A 54 26.91 -5.07 10.44
C GLY A 54 26.24 -3.74 10.15
N VAL A 55 26.00 -3.45 8.84
CA VAL A 55 25.22 -2.30 8.42
C VAL A 55 23.85 -2.31 9.05
N LYS A 56 23.25 -3.44 9.11
CA LYS A 56 21.95 -3.53 9.75
C LYS A 56 21.99 -3.09 11.20
N GLU A 57 23.01 -3.52 11.98
CA GLU A 57 23.05 -3.22 13.41
C GLU A 57 23.36 -1.76 13.65
N VAL A 58 24.22 -1.19 12.79
CA VAL A 58 24.58 0.20 12.96
C VAL A 58 23.34 1.08 12.82
N LEU A 59 22.43 0.75 11.89
CA LEU A 59 21.25 1.57 11.66
C LEU A 59 20.14 1.23 12.63
N GLU A 60 20.01 -0.02 13.03
CA GLU A 60 18.92 -0.36 13.93
C GLU A 60 19.18 0.14 15.33
N GLN A 61 20.45 0.11 15.77
CA GLN A 61 20.79 0.40 17.16
C GLN A 61 20.88 1.92 17.39
N LYS A 62 19.71 2.58 17.30
CA LYS A 62 19.65 4.03 17.48
C LYS A 62 20.38 4.48 18.72
N ASN A 63 20.21 3.74 19.82
CA ASN A 63 20.74 4.08 21.13
C ASN A 63 22.24 3.83 21.28
N ILE A 64 22.85 3.05 20.41
CA ILE A 64 24.30 2.87 20.38
C ILE A 64 24.96 3.78 19.36
N PHE A 65 24.30 4.01 18.22
CA PHE A 65 24.88 4.72 17.07
C PHE A 65 24.01 5.92 16.75
N SER A 66 24.49 7.09 17.07
CA SER A 66 23.71 8.33 17.07
C SER A 66 23.71 9.04 15.75
N SER A 67 22.58 9.72 15.47
CA SER A 67 22.44 10.53 14.26
C SER A 67 22.52 12.02 14.60
N ASP A 68 23.03 12.36 15.78
CA ASP A 68 23.15 13.73 16.23
C ASP A 68 24.31 14.43 15.53
N ARG A 69 23.97 15.40 14.69
CA ARG A 69 24.96 16.17 13.96
C ARG A 69 24.60 17.66 14.07
N ARG A 70 23.91 18.03 15.14
CA ARG A 70 23.55 19.43 15.28
C ARG A 70 24.82 20.26 15.45
N PRO A 71 24.90 21.42 14.78
CA PRO A 71 26.16 22.19 14.83
C PRO A 71 26.40 22.72 16.23
N PRO A 72 27.66 22.78 16.66
CA PRO A 72 27.99 23.45 17.92
C PRO A 72 27.60 24.91 17.87
N GLN A 73 27.56 25.51 19.06
CA GLN A 73 27.10 26.89 19.16
C GLN A 73 27.95 27.85 18.31
N ASN A 74 29.28 27.66 18.27
CA ASN A 74 30.14 28.54 17.49
C ASN A 74 30.04 28.34 15.98
N GLN A 75 29.19 27.44 15.50
CA GLN A 75 28.93 27.28 14.07
C GLN A 75 27.56 27.81 13.69
N ARG A 76 27.38 28.06 12.39
CA ARG A 76 26.08 28.49 11.87
C ARG A 76 24.94 27.56 12.32
N GLN A 77 23.91 28.16 12.92
CA GLN A 77 22.70 27.46 13.34
C GLN A 77 21.67 27.54 12.23
N THR A 78 21.75 26.60 11.28
CA THR A 78 20.76 26.54 10.22
C THR A 78 19.58 25.69 10.68
N ALA A 79 18.42 26.00 10.07
CA ALA A 79 17.22 25.22 10.38
C ALA A 79 17.39 23.76 9.95
N LEU A 80 18.14 23.52 8.85
CA LEU A 80 18.49 22.16 8.42
C LEU A 80 19.31 21.41 9.48
N GLY A 81 20.23 22.12 10.13
CA GLY A 81 21.14 21.47 11.07
C GLY A 81 20.47 20.81 12.24
N THR A 82 19.25 21.21 12.55
CA THR A 82 18.49 20.62 13.64
C THR A 82 17.23 19.94 13.12
N SER A 83 17.19 19.67 11.82
CA SER A 83 16.04 18.97 11.25
C SER A 83 16.16 17.47 11.50
N LEU A 84 15.08 16.78 11.18
CA LEU A 84 14.80 15.39 11.53
C LEU A 84 16.00 14.44 11.43
N ILE A 85 16.79 14.60 10.37
CA ILE A 85 17.78 13.59 10.10
C ILE A 85 19.00 13.74 10.99
N ASN A 86 19.14 14.87 11.69
CA ASN A 86 20.33 15.19 12.46
C ASN A 86 20.06 15.19 13.97
N ILE A 87 19.00 14.55 14.40
CA ILE A 87 18.67 14.46 15.82
C ILE A 87 18.29 13.02 16.19
N ASP A 88 18.39 12.74 17.48
CA ASP A 88 18.05 11.48 18.11
C ASP A 88 16.75 11.56 18.84
N PRO A 89 16.22 10.43 19.29
CA PRO A 89 15.16 10.47 20.29
C PRO A 89 15.66 11.10 21.59
N PRO A 90 14.74 11.60 22.37
CA PRO A 90 13.30 11.46 22.19
C PRO A 90 12.71 12.49 21.18
N LYS A 91 13.46 13.55 20.86
CA LYS A 91 12.95 14.61 19.99
C LYS A 91 12.62 14.08 18.59
N HIS A 92 13.50 13.24 18.05
CA HIS A 92 13.28 12.66 16.73
C HIS A 92 11.91 12.02 16.62
N ALA A 93 11.49 11.28 17.65
CA ALA A 93 10.17 10.63 17.61
C ALA A 93 9.03 11.65 17.60
N GLU A 94 9.17 12.72 18.38
CA GLU A 94 8.16 13.76 18.41
C GLU A 94 8.04 14.40 17.05
N MET A 95 9.19 14.71 16.46
CA MET A 95 9.22 15.36 15.15
C MET A 95 8.78 14.42 14.05
N ARG A 96 9.22 13.15 14.13
CA ARG A 96 8.84 12.15 13.13
C ARG A 96 7.34 11.96 13.12
N ALA A 97 6.74 11.78 14.29
CA ALA A 97 5.31 11.55 14.36
C ALA A 97 4.53 12.68 13.70
N LEU A 98 5.08 13.88 13.71
CA LEU A 98 4.36 14.98 13.10
C LEU A 98 4.53 15.02 11.57
N VAL A 99 5.77 14.99 11.06
CA VAL A 99 5.96 15.10 9.61
C VAL A 99 5.37 13.87 8.91
N ASN A 100 5.39 12.72 9.57
CA ASN A 100 4.72 11.54 9.01
C ASN A 100 3.27 11.84 8.63
N LYS A 101 2.64 12.82 9.27
CA LYS A 101 1.24 13.10 8.98
C LYS A 101 1.04 13.57 7.54
N ALA A 102 2.08 14.06 6.87
CA ALA A 102 1.97 14.56 5.50
C ALA A 102 2.42 13.55 4.43
N PHE A 103 2.92 12.38 4.84
CA PHE A 103 3.37 11.32 3.93
C PHE A 103 2.53 10.04 4.15
N THR A 104 1.28 10.08 3.75
CA THR A 104 0.33 9.00 3.92
C THR A 104 -0.12 8.54 2.56
N PRO A 105 -0.61 7.30 2.43
CA PRO A 105 -1.12 6.91 1.11
C PRO A 105 -2.21 7.84 0.61
N LYS A 106 -2.92 8.52 1.52
CA LYS A 106 -3.97 9.44 1.11
C LYS A 106 -3.44 10.68 0.37
N ALA A 107 -2.32 11.26 0.82
CA ALA A 107 -1.72 12.35 0.10
C ALA A 107 -1.21 11.89 -1.27
N MET A 108 -0.63 10.71 -1.32
CA MET A 108 -0.14 10.18 -2.59
C MET A 108 -1.21 10.12 -3.67
N LYS A 109 -2.47 9.87 -3.28
CA LYS A 109 -3.49 9.77 -4.31
C LYS A 109 -3.57 11.07 -5.08
N ALA A 110 -3.32 12.20 -4.40
CA ALA A 110 -3.24 13.51 -5.04
C ALA A 110 -1.90 13.77 -5.73
N TRP A 111 -0.82 13.14 -5.30
CA TRP A 111 0.48 13.47 -5.89
C TRP A 111 0.65 12.82 -7.26
N GLU A 112 0.17 11.57 -7.43
CA GLU A 112 0.38 10.80 -8.65
C GLU A 112 0.10 11.57 -9.93
N PRO A 113 -1.11 12.09 -10.10
CA PRO A 113 -1.41 12.83 -11.35
C PRO A 113 -0.53 14.08 -11.57
N LYS A 114 -0.12 14.78 -10.51
CA LYS A 114 0.83 15.88 -10.70
C LYS A 114 2.12 15.33 -11.30
N ILE A 115 2.53 14.17 -10.82
CA ILE A 115 3.79 13.57 -11.28
C ILE A 115 3.68 13.10 -12.72
N ALA A 116 2.49 12.62 -13.12
CA ALA A 116 2.30 12.24 -14.54
C ALA A 116 2.27 13.48 -15.42
N ARG A 117 1.56 14.50 -14.96
CA ARG A 117 1.54 15.76 -15.68
C ARG A 117 2.96 16.28 -15.90
N ILE A 118 3.78 16.27 -14.84
CA ILE A 118 5.13 16.80 -15.00
C ILE A 118 5.96 15.90 -15.91
N THR A 119 5.84 14.58 -15.75
CA THR A 119 6.59 13.66 -16.58
C THR A 119 6.31 13.91 -18.05
N ASN A 120 5.03 14.12 -18.40
CA ASN A 120 4.67 14.36 -19.82
C ASN A 120 5.13 15.75 -20.28
N GLU A 121 5.00 16.77 -19.42
CA GLU A 121 5.55 18.07 -19.78
C GLU A 121 7.02 17.96 -20.13
N LEU A 122 7.80 17.15 -19.39
CA LEU A 122 9.24 17.11 -19.64
C LEU A 122 9.59 16.36 -20.91
N LEU A 123 8.88 15.26 -21.18
CA LEU A 123 9.12 14.53 -22.41
C LEU A 123 8.73 15.35 -23.61
N GLN A 124 7.64 16.11 -23.51
CA GLN A 124 7.18 16.94 -24.61
C GLN A 124 8.20 18.00 -25.02
N GLU A 125 8.89 18.62 -24.04
CA GLU A 125 9.92 19.58 -24.40
C GLU A 125 11.14 18.99 -25.10
N VAL A 126 11.38 17.68 -25.06
CA VAL A 126 12.48 17.11 -25.85
C VAL A 126 11.96 16.16 -26.94
N GLU A 127 10.66 16.21 -27.25
CA GLU A 127 10.10 15.34 -28.28
C GLU A 127 10.82 15.51 -29.59
N HIS A 128 11.32 16.71 -29.85
CA HIS A 128 11.93 17.03 -31.13
C HIS A 128 13.35 16.53 -31.27
N LEU A 129 13.92 15.97 -30.20
CA LEU A 129 15.29 15.50 -30.19
C LEU A 129 15.34 13.98 -30.30
N GLU A 130 16.27 13.47 -31.12
CA GLU A 130 16.45 12.03 -31.25
C GLU A 130 17.30 11.50 -30.10
N ASP A 131 18.33 12.25 -29.72
CA ASP A 131 19.16 11.93 -28.57
C ASP A 131 18.82 12.86 -27.40
N ILE A 132 18.77 12.30 -26.18
CA ILE A 132 18.47 13.09 -24.98
C ILE A 132 19.33 12.63 -23.81
N ASP A 133 19.62 13.57 -22.92
CA ASP A 133 20.26 13.31 -21.63
C ASP A 133 19.18 12.98 -20.60
N ILE A 134 19.11 11.70 -20.17
CA ILE A 134 18.18 11.26 -19.14
C ILE A 134 18.25 12.13 -17.91
N VAL A 135 19.45 12.60 -17.59
CA VAL A 135 19.73 13.37 -16.37
C VAL A 135 19.20 14.78 -16.55
N GLU A 136 19.79 15.55 -17.47
CA GLU A 136 19.45 16.97 -17.62
C GLU A 136 17.98 17.18 -18.01
N HIS A 137 17.44 16.37 -18.93
CA HIS A 137 16.12 16.65 -19.50
C HIS A 137 14.97 15.99 -18.75
N LEU A 138 15.21 14.94 -17.94
CA LEU A 138 14.14 14.22 -17.27
C LEU A 138 14.33 13.94 -15.77
N SER A 139 15.41 13.25 -15.42
CA SER A 139 15.59 12.90 -14.04
C SER A 139 16.03 13.99 -13.11
N TYR A 140 16.82 14.95 -13.57
CA TYR A 140 17.23 16.02 -12.69
C TYR A 140 16.03 16.88 -12.35
N PRO A 141 15.33 17.35 -13.44
CA PRO A 141 14.20 18.23 -13.12
C PRO A 141 13.01 17.69 -12.41
N LEU A 142 12.67 16.47 -12.71
CA LEU A 142 11.41 15.94 -12.21
C LEU A 142 11.25 16.05 -10.70
N PRO A 143 12.19 15.57 -9.87
CA PRO A 143 11.98 15.71 -8.41
C PRO A 143 11.86 17.14 -7.98
N VAL A 144 12.64 18.06 -8.57
CA VAL A 144 12.60 19.47 -8.11
C VAL A 144 11.21 20.05 -8.30
N MET A 145 10.62 19.78 -9.48
CA MET A 145 9.30 20.29 -9.83
C MET A 145 8.21 19.67 -8.99
N VAL A 146 8.28 18.35 -8.81
CA VAL A 146 7.30 17.69 -7.96
C VAL A 146 7.34 18.29 -6.57
N ILE A 147 8.53 18.40 -5.99
CA ILE A 147 8.52 18.73 -4.58
C ILE A 147 8.06 20.19 -4.40
N ALA A 148 8.39 21.08 -5.35
CA ALA A 148 7.84 22.44 -5.33
C ALA A 148 6.32 22.42 -5.24
N ASP A 149 5.69 21.63 -6.12
CA ASP A 149 4.25 21.58 -6.21
C ASP A 149 3.63 20.99 -4.94
N ILE A 150 4.11 19.85 -4.51
CA ILE A 150 3.56 19.29 -3.31
C ILE A 150 3.86 20.11 -2.08
N LEU A 151 4.97 20.83 -2.03
CA LEU A 151 5.18 21.72 -0.87
C LEU A 151 4.16 22.85 -0.81
N GLY A 152 3.65 23.29 -1.96
CA GLY A 152 2.75 24.43 -1.99
C GLY A 152 3.40 25.70 -2.48
N VAL A 153 4.49 25.59 -3.19
CA VAL A 153 5.18 26.67 -3.83
C VAL A 153 4.33 27.03 -5.05
N PRO A 154 3.87 28.29 -5.15
CA PRO A 154 3.10 28.73 -6.32
C PRO A 154 3.90 28.69 -7.61
N ILE A 155 3.17 28.56 -8.70
CA ILE A 155 3.79 28.43 -10.01
C ILE A 155 4.69 29.60 -10.32
N GLU A 156 4.29 30.82 -9.91
CA GLU A 156 5.00 32.07 -10.26
C GLU A 156 6.38 32.10 -9.63
N ASP A 157 6.59 31.30 -8.59
CA ASP A 157 7.84 31.15 -7.89
C ASP A 157 8.63 29.89 -8.27
N GLN A 158 8.15 29.03 -9.15
CA GLN A 158 8.84 27.76 -9.27
C GLN A 158 10.14 27.83 -10.07
N ARG A 159 10.29 28.78 -10.99
CA ARG A 159 11.61 28.91 -11.62
C ARG A 159 12.66 29.37 -10.61
N GLN A 160 12.35 30.38 -9.76
CA GLN A 160 13.29 30.79 -8.71
C GLN A 160 13.58 29.66 -7.73
N PHE A 161 12.60 28.79 -7.52
CA PHE A 161 12.78 27.63 -6.66
C PHE A 161 13.74 26.62 -7.27
N LYS A 162 13.71 26.44 -8.58
CA LYS A 162 14.64 25.53 -9.21
C LYS A 162 16.07 26.06 -9.16
N ASP A 163 16.23 27.37 -9.24
CA ASP A 163 17.54 28.02 -9.19
C ASP A 163 18.20 27.85 -7.84
N TRP A 164 17.46 28.18 -6.78
CA TRP A 164 17.97 27.95 -5.44
C TRP A 164 18.43 26.50 -5.27
N SER A 165 17.61 25.54 -5.71
CA SER A 165 17.93 24.14 -5.56
C SER A 165 19.12 23.75 -6.45
N ASP A 166 19.26 24.31 -7.65
CA ASP A 166 20.43 23.94 -8.45
C ASP A 166 21.72 24.32 -7.74
N ILE A 167 21.69 25.44 -7.02
CA ILE A 167 22.84 26.06 -6.36
C ILE A 167 23.19 25.35 -5.05
N ILE A 168 22.19 25.05 -4.22
CA ILE A 168 22.48 24.38 -2.94
C ILE A 168 23.01 22.96 -3.08
N VAL A 169 22.91 22.33 -4.24
CA VAL A 169 23.44 20.98 -4.43
C VAL A 169 24.42 20.95 -5.58
N ALA A 170 24.92 22.10 -6.00
CA ALA A 170 25.88 22.11 -7.08
C ALA A 170 27.27 21.79 -6.54
N GLY A 171 28.15 21.44 -7.46
CA GLY A 171 29.55 21.30 -7.17
C GLY A 171 30.36 22.39 -7.84
N PRO A 172 31.65 22.47 -7.52
CA PRO A 172 32.48 23.49 -8.16
C PRO A 172 32.81 23.16 -9.59
N SER A 173 32.87 24.21 -10.40
CA SER A 173 33.27 24.11 -11.80
C SER A 173 34.67 23.53 -11.93
N ASN A 174 35.65 24.18 -11.31
CA ASN A 174 37.04 23.75 -11.30
C ASN A 174 37.54 23.76 -9.87
N ASN A 175 38.79 23.35 -9.68
CA ASN A 175 39.33 23.30 -8.34
C ASN A 175 40.04 24.59 -7.94
N GLU A 176 40.05 25.59 -8.83
CA GLU A 176 40.58 26.90 -8.47
C GLU A 176 40.00 27.40 -7.15
N ARG A 177 40.86 28.14 -6.46
CA ARG A 177 40.56 28.62 -5.12
C ARG A 177 39.38 29.59 -5.12
N GLU A 178 39.27 30.44 -6.15
CA GLU A 178 38.25 31.47 -6.12
C GLU A 178 36.88 30.88 -6.39
N THR A 179 36.84 29.86 -7.24
CA THR A 179 35.56 29.29 -7.59
C THR A 179 34.99 28.47 -6.43
N LEU A 180 35.86 27.90 -5.59
CA LEU A 180 35.39 27.25 -4.36
C LEU A 180 34.83 28.25 -3.35
N GLU A 181 35.51 29.42 -3.17
CA GLU A 181 35.00 30.53 -2.35
C GLU A 181 33.63 30.97 -2.85
N LYS A 182 33.54 31.17 -4.16
CA LYS A 182 32.29 31.66 -4.73
C LYS A 182 31.14 30.71 -4.43
N LEU A 183 31.31 29.43 -4.78
CA LEU A 183 30.33 28.42 -4.44
C LEU A 183 29.93 28.49 -2.97
N GLN A 184 30.88 28.38 -2.05
CA GLN A 184 30.54 28.44 -0.62
C GLN A 184 29.69 29.63 -0.23
N GLN A 185 29.87 30.79 -0.89
CA GLN A 185 29.07 31.95 -0.52
C GLN A 185 27.67 31.85 -1.12
N GLU A 186 27.59 31.51 -2.41
CA GLU A 186 26.28 31.37 -3.08
C GLU A 186 25.42 30.28 -2.45
N LYS A 187 26.02 29.24 -1.88
CA LYS A 187 25.24 28.24 -1.15
C LYS A 187 24.65 28.81 0.15
N MET A 188 25.43 29.60 0.90
CA MET A 188 24.89 30.19 2.13
C MET A 188 23.80 31.21 1.79
N LYS A 189 23.99 31.93 0.67
CA LYS A 189 22.96 32.86 0.19
C LYS A 189 21.66 32.10 -0.08
N ALA A 190 21.75 31.03 -0.88
CA ALA A 190 20.59 30.23 -1.18
C ALA A 190 19.99 29.66 0.12
N ASN A 191 20.78 29.08 1.03
CA ASN A 191 20.09 28.57 2.23
C ASN A 191 19.33 29.68 2.92
N ASP A 192 19.92 30.87 3.00
CA ASP A 192 19.26 31.86 3.84
C ASP A 192 18.12 32.52 3.07
N GLU A 193 18.26 32.71 1.76
CA GLU A 193 17.12 33.13 0.95
C GLU A 193 15.94 32.15 1.06
N LEU A 194 16.19 30.86 0.74
CA LEU A 194 15.21 29.79 0.91
C LEU A 194 14.53 29.84 2.24
N GLU A 195 15.30 29.98 3.30
CA GLU A 195 14.68 30.05 4.61
C GLU A 195 13.72 31.22 4.70
N THR A 196 14.11 32.40 4.18
CA THR A 196 13.21 33.53 4.28
C THR A 196 12.01 33.30 3.37
N TYR A 197 12.26 32.76 2.17
CA TYR A 197 11.14 32.37 1.31
C TYR A 197 10.19 31.44 2.03
N PHE A 198 10.71 30.41 2.70
CA PHE A 198 9.81 29.45 3.34
C PHE A 198 9.09 30.06 4.53
N TYR A 199 9.76 30.96 5.28
CA TYR A 199 9.11 31.63 6.41
C TYR A 199 7.89 32.44 5.96
N ARG A 200 7.98 33.09 4.79
CA ARG A 200 6.85 33.83 4.24
C ARG A 200 5.69 32.89 3.91
N ILE A 201 5.97 31.83 3.11
CA ILE A 201 4.98 30.82 2.72
C ILE A 201 4.27 30.34 3.95
N ILE A 202 5.01 30.11 5.03
CA ILE A 202 4.36 29.58 6.22
C ILE A 202 3.33 30.56 6.74
N GLU A 203 3.67 31.86 6.71
CA GLU A 203 2.69 32.87 7.13
C GLU A 203 1.53 32.95 6.16
N GLU A 204 1.83 33.02 4.86
CA GLU A 204 0.78 33.00 3.86
C GLU A 204 -0.19 31.83 4.05
N LYS A 205 0.32 30.59 4.24
CA LYS A 205 -0.50 29.39 4.43
C LYS A 205 -1.05 29.29 5.84
N ARG A 206 -0.65 30.20 6.71
CA ARG A 206 -1.20 30.25 8.06
C ARG A 206 -2.63 30.73 8.02
N THR A 207 -2.88 31.76 7.23
CA THR A 207 -4.21 32.33 7.15
C THR A 207 -4.95 31.86 5.91
N ARG A 208 -4.27 31.46 4.83
CA ARG A 208 -4.92 30.91 3.63
C ARG A 208 -4.41 29.51 3.29
N PRO A 209 -4.73 28.48 4.11
CA PRO A 209 -4.25 27.14 3.75
C PRO A 209 -4.59 26.76 2.31
N GLY A 210 -4.17 25.55 2.00
CA GLY A 210 -4.31 24.94 0.70
C GLY A 210 -4.10 23.45 0.93
N ASP A 211 -4.07 22.69 -0.15
CA ASP A 211 -3.77 21.27 0.01
C ASP A 211 -2.31 21.08 -0.41
N ASP A 212 -1.42 21.30 0.57
CA ASP A 212 0.02 21.20 0.35
C ASP A 212 0.68 20.75 1.64
N ILE A 213 1.92 20.26 1.52
CA ILE A 213 2.59 19.70 2.70
C ILE A 213 2.62 20.72 3.85
N ILE A 214 3.06 21.95 3.55
CA ILE A 214 3.24 22.99 4.58
C ILE A 214 1.94 23.24 5.35
N SER A 215 0.84 23.44 4.64
CA SER A 215 -0.43 23.59 5.31
C SER A 215 -0.73 22.40 6.23
N VAL A 216 -0.45 21.17 5.76
CA VAL A 216 -0.63 19.98 6.61
C VAL A 216 0.26 20.05 7.85
N LEU A 217 1.56 20.36 7.65
CA LEU A 217 2.47 20.42 8.80
C LEU A 217 2.06 21.47 9.81
N LEU A 218 1.49 22.61 9.35
CA LEU A 218 1.00 23.65 10.26
C LEU A 218 -0.15 23.17 11.13
N GLN A 219 -1.04 22.35 10.58
CA GLN A 219 -2.22 21.93 11.32
C GLN A 219 -1.98 20.64 12.11
N ALA A 220 -0.82 20.02 11.94
CA ALA A 220 -0.56 18.77 12.63
C ALA A 220 -0.33 18.99 14.12
N LYS A 221 -0.80 18.02 14.91
CA LYS A 221 -0.62 17.97 16.35
C LYS A 221 -0.35 16.52 16.77
N GLU A 222 0.42 16.37 17.83
CA GLU A 222 0.74 15.04 18.35
C GLU A 222 0.94 15.15 19.86
N GLU A 223 0.06 14.48 20.63
CA GLU A 223 0.09 14.56 22.09
C GLU A 223 0.09 16.02 22.56
N GLY A 224 -0.64 16.85 21.80
CA GLY A 224 -0.73 18.27 22.06
C GLY A 224 0.46 19.12 21.65
N LYS A 225 1.41 18.60 20.86
CA LYS A 225 2.58 19.35 20.43
C LYS A 225 2.52 19.63 18.93
N GLN A 226 3.23 20.67 18.52
CA GLN A 226 3.22 21.11 17.14
C GLN A 226 4.63 21.47 16.71
N LEU A 227 4.79 21.53 15.41
CA LEU A 227 6.04 21.92 14.83
C LEU A 227 6.15 23.43 14.92
N THR A 228 7.32 23.92 15.31
CA THR A 228 7.56 25.33 15.20
C THR A 228 7.72 25.68 13.72
N ASP A 229 7.77 26.96 13.45
CA ASP A 229 7.93 27.42 12.10
C ASP A 229 9.34 27.17 11.62
N GLU A 230 10.28 27.08 12.53
CA GLU A 230 11.65 26.84 12.17
C GLU A 230 11.76 25.38 11.78
N GLU A 231 11.16 24.53 12.59
CA GLU A 231 11.19 23.11 12.32
C GLU A 231 10.66 22.82 10.92
N ILE A 232 9.56 23.49 10.54
CA ILE A 232 8.96 23.30 9.23
C ILE A 232 9.88 23.80 8.12
N VAL A 233 10.45 25.00 8.28
CA VAL A 233 11.45 25.51 7.34
C VAL A 233 12.58 24.51 7.17
N GLY A 234 13.03 23.93 8.29
CA GLY A 234 14.15 22.99 8.23
C GLY A 234 13.79 21.72 7.48
N PHE A 235 12.61 21.19 7.76
CA PHE A 235 12.17 19.97 7.11
C PHE A 235 11.91 20.17 5.62
N SER A 236 11.38 21.33 5.25
CA SER A 236 11.20 21.69 3.85
C SER A 236 12.52 21.68 3.11
N ILE A 237 13.51 22.32 3.73
CA ILE A 237 14.79 22.38 3.07
C ILE A 237 15.34 20.98 3.04
N LEU A 238 15.03 20.20 4.09
CA LEU A 238 15.53 18.85 4.17
C LEU A 238 15.02 18.02 2.99
N LEU A 239 13.72 18.17 2.66
CA LEU A 239 13.09 17.36 1.61
C LEU A 239 13.74 17.66 0.28
N LEU A 240 14.06 18.92 0.06
CA LEU A 240 14.84 19.29 -1.12
C LEU A 240 16.13 18.49 -1.16
N ILE A 241 16.90 18.54 -0.08
CA ILE A 241 18.22 17.92 -0.11
C ILE A 241 18.08 16.40 -0.24
N ALA A 242 17.17 15.81 0.54
CA ALA A 242 17.13 14.37 0.71
C ALA A 242 16.58 13.70 -0.54
N GLY A 243 15.60 14.33 -1.19
CA GLY A 243 14.80 13.73 -2.22
C GLY A 243 15.20 14.09 -3.65
N ASN A 244 15.95 15.17 -3.86
CA ASN A 244 16.20 15.56 -5.26
C ASN A 244 17.23 14.66 -5.92
N GLU A 245 18.49 14.76 -5.50
CA GLU A 245 19.57 14.07 -6.20
C GLU A 245 19.37 12.55 -6.19
N THR A 246 18.82 12.04 -5.09
CA THR A 246 18.70 10.63 -4.91
C THR A 246 17.73 10.07 -5.92
N THR A 247 16.54 10.70 -6.01
CA THR A 247 15.53 10.28 -6.97
C THR A 247 16.03 10.42 -8.40
N THR A 248 16.68 11.52 -8.71
CA THR A 248 17.36 11.62 -9.98
C THR A 248 18.23 10.40 -10.27
N ASN A 249 19.03 9.97 -9.30
CA ASN A 249 19.98 8.91 -9.62
C ASN A 249 19.29 7.52 -9.72
N LEU A 250 18.18 7.33 -8.99
CA LEU A 250 17.41 6.12 -9.04
C LEU A 250 16.83 5.93 -10.43
N ILE A 251 16.41 7.03 -11.06
CA ILE A 251 15.95 6.95 -12.45
C ILE A 251 17.13 6.78 -13.39
N SER A 252 18.11 7.66 -13.31
CA SER A 252 19.24 7.49 -14.25
C SER A 252 19.81 6.08 -14.14
N ASN A 253 20.05 5.63 -12.91
CA ASN A 253 20.70 4.34 -12.71
C ASN A 253 19.83 3.21 -13.26
N THR A 254 18.52 3.36 -13.16
CA THR A 254 17.63 2.32 -13.69
C THR A 254 17.73 2.21 -15.20
N ILE A 255 17.74 3.33 -15.91
CA ILE A 255 17.98 3.28 -17.34
C ILE A 255 19.29 2.60 -17.63
N TYR A 256 20.33 3.01 -16.90
CA TYR A 256 21.66 2.49 -17.15
C TYR A 256 21.66 0.97 -17.05
N CYS A 257 20.99 0.42 -16.04
CA CYS A 257 20.94 -1.02 -15.87
C CYS A 257 20.26 -1.69 -17.06
N LEU A 258 19.11 -1.15 -17.48
CA LEU A 258 18.37 -1.79 -18.55
C LEU A 258 19.14 -1.71 -19.87
N MET A 259 19.85 -0.61 -20.11
CA MET A 259 20.71 -0.52 -21.29
C MET A 259 21.92 -1.42 -21.21
N GLU A 260 22.30 -1.85 -20.03
CA GLU A 260 23.44 -2.74 -19.90
C GLU A 260 23.00 -4.19 -20.09
N ASP A 261 21.91 -4.55 -19.44
CA ASP A 261 21.30 -5.85 -19.53
C ASP A 261 20.07 -5.67 -20.43
N LYS A 262 20.31 -5.77 -21.74
CA LYS A 262 19.20 -5.74 -22.69
C LYS A 262 18.19 -6.85 -22.43
N ALA A 263 18.66 -8.04 -22.06
CA ALA A 263 17.73 -9.12 -21.76
C ALA A 263 16.68 -8.68 -20.76
N SER A 264 17.10 -7.98 -19.69
CA SER A 264 16.13 -7.59 -18.66
C SER A 264 15.18 -6.52 -19.19
N PHE A 265 15.67 -5.63 -20.05
CA PHE A 265 14.81 -4.62 -20.69
C PHE A 265 13.68 -5.27 -21.50
N GLU A 266 14.07 -6.19 -22.38
CA GLU A 266 13.13 -6.95 -23.20
C GLU A 266 12.12 -7.68 -22.33
N ARG A 267 12.59 -8.28 -21.26
CA ARG A 267 11.65 -8.94 -20.37
C ARG A 267 10.69 -7.94 -19.73
N LEU A 268 11.18 -6.74 -19.43
CA LEU A 268 10.38 -5.75 -18.71
C LEU A 268 9.28 -5.21 -19.60
N LYS A 269 9.61 -5.03 -20.88
CA LYS A 269 8.60 -4.62 -21.83
C LYS A 269 7.47 -5.66 -21.94
N ARG A 270 7.82 -6.96 -21.92
CA ARG A 270 6.80 -8.00 -22.04
C ARG A 270 5.98 -8.18 -20.76
N GLU A 271 6.57 -7.91 -19.59
CA GLU A 271 5.82 -8.00 -18.33
C GLU A 271 5.95 -6.64 -17.65
N LYS A 272 5.08 -5.70 -18.03
CA LYS A 272 5.11 -4.39 -17.39
C LYS A 272 4.97 -4.49 -15.87
N GLU A 273 4.22 -5.46 -15.33
CA GLU A 273 4.03 -5.37 -13.88
C GLU A 273 5.31 -5.69 -13.08
N LEU A 274 6.40 -6.07 -13.75
CA LEU A 274 7.72 -6.22 -13.12
C LEU A 274 8.40 -4.90 -12.73
N LEU A 275 8.00 -3.78 -13.29
CA LEU A 275 8.74 -2.53 -13.11
C LEU A 275 8.96 -2.21 -11.64
N PRO A 276 7.97 -2.27 -10.79
CA PRO A 276 8.25 -1.92 -9.39
C PRO A 276 9.39 -2.75 -8.82
N SER A 277 9.39 -4.05 -9.13
CA SER A 277 10.41 -4.99 -8.69
C SER A 277 11.77 -4.68 -9.31
N GLY A 278 11.83 -4.33 -10.58
CA GLY A 278 13.12 -3.98 -11.15
C GLY A 278 13.68 -2.66 -10.58
N ILE A 279 12.80 -1.73 -10.18
CA ILE A 279 13.25 -0.52 -9.50
C ILE A 279 13.88 -0.89 -8.16
N GLU A 280 13.22 -1.81 -7.44
CA GLU A 280 13.76 -2.31 -6.17
C GLU A 280 15.11 -2.95 -6.35
N GLU A 281 15.30 -3.61 -7.46
CA GLU A 281 16.60 -4.18 -7.77
C GLU A 281 17.61 -3.13 -8.23
N VAL A 282 17.19 -1.98 -8.72
CA VAL A 282 18.17 -0.90 -8.89
C VAL A 282 18.56 -0.32 -7.55
N LEU A 283 17.59 -0.10 -6.69
CA LEU A 283 17.87 0.26 -5.31
C LEU A 283 18.90 -0.66 -4.67
N ARG A 284 18.88 -1.96 -4.97
CA ARG A 284 19.87 -2.88 -4.40
C ARG A 284 21.20 -2.78 -5.12
N TYR A 285 21.14 -2.84 -6.44
CA TYR A 285 22.33 -3.01 -7.27
C TYR A 285 23.07 -1.70 -7.52
N ARG A 286 22.36 -0.60 -7.67
CA ARG A 286 23.02 0.69 -7.96
C ARG A 286 22.39 1.75 -7.08
N SER A 287 22.64 1.59 -5.78
CA SER A 287 21.91 2.37 -4.80
C SER A 287 22.28 3.86 -4.89
N PRO A 288 21.33 4.76 -5.02
CA PRO A 288 21.68 6.18 -5.01
C PRO A 288 22.57 6.60 -3.84
N VAL A 289 22.32 6.07 -2.65
CA VAL A 289 23.07 6.34 -1.43
C VAL A 289 23.82 5.08 -1.01
N GLN A 290 25.15 5.11 -1.15
CA GLN A 290 26.05 4.03 -0.81
C GLN A 290 26.33 3.92 0.67
N ALA A 291 26.29 5.03 1.42
CA ALA A 291 26.72 4.96 2.82
C ALA A 291 26.03 6.03 3.66
N LEU A 292 26.23 5.95 4.96
CA LEU A 292 25.66 6.89 5.92
C LEU A 292 26.71 7.22 6.98
N HIS A 293 26.41 8.17 7.87
CA HIS A 293 27.30 8.54 8.97
C HIS A 293 26.60 8.27 10.29
N ARG A 294 27.32 7.72 11.24
CA ARG A 294 26.84 7.57 12.60
C ARG A 294 27.99 7.90 13.53
N ILE A 295 27.68 8.23 14.78
CA ILE A 295 28.71 8.43 15.80
C ILE A 295 28.43 7.47 16.92
N VAL A 296 29.45 6.79 17.41
CA VAL A 296 29.23 5.84 18.52
C VAL A 296 28.85 6.59 19.78
N LYS A 297 27.76 6.12 20.43
CA LYS A 297 27.20 6.70 21.65
C LYS A 297 27.73 6.00 22.92
N GLU A 298 28.09 4.72 22.84
CA GLU A 298 28.63 3.98 23.97
C GLU A 298 29.52 2.85 23.43
N ASP A 299 30.52 2.45 24.21
CA ASP A 299 31.38 1.38 23.74
C ASP A 299 30.54 0.21 23.27
N VAL A 300 30.99 -0.39 22.18
CA VAL A 300 30.26 -1.51 21.59
C VAL A 300 31.26 -2.33 20.82
N THR A 301 30.96 -3.64 20.71
CA THR A 301 31.72 -4.58 19.90
C THR A 301 30.93 -5.00 18.64
N LEU A 302 31.66 -5.17 17.53
CA LEU A 302 31.01 -5.33 16.22
C LEU A 302 31.90 -6.15 15.31
N ALA A 303 31.45 -7.36 14.91
CA ALA A 303 32.31 -8.33 14.27
C ALA A 303 33.67 -8.39 14.97
N GLY A 304 33.59 -8.52 16.29
CA GLY A 304 34.79 -8.63 17.09
C GLY A 304 35.62 -7.36 17.25
N LYS A 305 35.09 -6.20 16.91
CA LYS A 305 35.92 -5.02 16.93
C LYS A 305 35.43 -4.12 18.03
N LYS A 306 36.38 -3.57 18.76
CA LYS A 306 36.02 -2.79 19.93
C LYS A 306 35.91 -1.36 19.45
N LEU A 307 34.66 -0.90 19.36
CA LEU A 307 34.29 0.44 19.02
C LEU A 307 33.99 1.19 20.30
N LYS A 308 34.61 2.36 20.40
CA LYS A 308 34.63 3.20 21.59
C LYS A 308 33.84 4.49 21.39
N ALA A 309 33.02 4.81 22.39
CA ALA A 309 32.18 6.01 22.34
C ALA A 309 32.94 7.19 21.73
N GLY A 310 32.24 7.93 20.86
CA GLY A 310 32.76 9.07 20.15
C GLY A 310 33.40 8.80 18.79
N GLU A 311 33.76 7.55 18.48
CA GLU A 311 34.37 7.29 17.18
C GLU A 311 33.30 7.29 16.10
N HIS A 312 33.71 7.60 14.88
CA HIS A 312 32.78 7.74 13.75
C HIS A 312 32.67 6.46 12.94
N VAL A 313 31.42 6.14 12.54
CA VAL A 313 31.10 4.89 11.83
C VAL A 313 30.43 5.16 10.49
N VAL A 314 30.90 4.46 9.46
CA VAL A 314 30.31 4.61 8.13
C VAL A 314 29.81 3.26 7.64
N PRO A 315 28.53 2.92 7.83
CA PRO A 315 27.98 1.70 7.22
C PRO A 315 27.76 1.89 5.74
N TRP A 316 28.30 1.02 4.94
CA TRP A 316 28.18 1.08 3.49
C TRP A 316 27.01 0.19 3.05
N MET A 317 25.80 0.75 2.88
CA MET A 317 24.69 -0.07 2.36
C MET A 317 25.01 -0.64 0.98
N GLY A 318 25.84 0.02 0.19
CA GLY A 318 26.16 -0.49 -1.15
C GLY A 318 26.84 -1.82 -1.07
N SER A 319 27.60 -2.04 -0.02
CA SER A 319 28.34 -3.29 0.16
C SER A 319 27.41 -4.33 0.74
N ALA A 320 26.65 -3.94 1.76
CA ALA A 320 25.69 -4.86 2.34
C ALA A 320 24.80 -5.47 1.27
N HIS A 321 24.55 -4.73 0.21
CA HIS A 321 23.66 -5.13 -0.86
C HIS A 321 24.30 -6.15 -1.77
N ARG A 322 25.57 -6.47 -1.55
CA ARG A 322 26.25 -7.45 -2.38
C ARG A 322 26.69 -8.64 -1.56
N ASP A 323 26.11 -8.80 -0.38
CA ASP A 323 26.35 -9.91 0.52
C ASP A 323 25.52 -11.15 0.12
N ALA A 324 26.16 -12.24 -0.31
CA ALA A 324 25.40 -13.39 -0.82
C ALA A 324 24.51 -14.02 0.23
N GLU A 325 24.84 -13.92 1.51
CA GLU A 325 23.95 -14.54 2.48
C GLU A 325 22.52 -14.02 2.37
N TYR A 326 22.34 -12.81 1.84
CA TYR A 326 21.06 -12.13 1.81
C TYR A 326 20.57 -11.90 0.39
N PHE A 327 21.44 -12.02 -0.57
CA PHE A 327 21.10 -11.84 -1.94
C PHE A 327 21.85 -12.83 -2.77
N GLU A 328 21.21 -13.88 -3.24
CA GLU A 328 21.87 -14.88 -4.02
C GLU A 328 22.31 -14.36 -5.37
N ASP A 329 23.55 -14.62 -5.73
CA ASP A 329 24.12 -14.17 -6.96
C ASP A 329 24.12 -12.69 -6.95
N PRO A 330 24.67 -12.14 -5.82
CA PRO A 330 24.61 -10.69 -5.73
C PRO A 330 25.20 -9.88 -6.85
N GLU A 331 26.11 -10.43 -7.60
CA GLU A 331 26.66 -9.64 -8.71
C GLU A 331 25.75 -9.69 -9.96
N VAL A 332 24.55 -10.28 -9.86
CA VAL A 332 23.67 -10.43 -11.02
C VAL A 332 22.46 -9.54 -10.87
N PHE A 333 22.10 -8.90 -11.97
CA PHE A 333 20.96 -7.99 -11.98
C PHE A 333 19.72 -8.76 -12.39
N LYS A 334 18.79 -8.87 -11.47
CA LYS A 334 17.66 -9.77 -11.63
C LYS A 334 16.41 -8.95 -11.39
N ILE A 335 15.68 -8.59 -12.46
CA ILE A 335 14.56 -7.65 -12.30
C ILE A 335 13.39 -8.26 -11.55
N ASP A 336 13.38 -9.61 -11.39
CA ASP A 336 12.38 -10.25 -10.55
C ASP A 336 12.92 -10.68 -9.20
N ARG A 337 14.12 -10.26 -8.80
CA ARG A 337 14.71 -10.72 -7.53
C ARG A 337 13.71 -10.76 -6.37
N LYS A 338 13.74 -11.87 -5.65
CA LYS A 338 12.83 -12.13 -4.53
C LYS A 338 13.60 -13.14 -3.68
N PRO A 339 13.78 -12.89 -2.39
CA PRO A 339 13.59 -11.65 -1.63
C PRO A 339 14.65 -10.62 -1.99
N ASN A 340 14.37 -9.37 -1.63
CA ASN A 340 15.23 -8.23 -1.95
C ASN A 340 15.16 -7.24 -0.82
N VAL A 341 15.81 -7.56 0.28
CA VAL A 341 15.71 -6.77 1.50
C VAL A 341 16.83 -5.73 1.59
N HIS A 342 16.95 -4.87 0.58
CA HIS A 342 17.93 -3.83 0.57
C HIS A 342 17.58 -2.84 1.67
N MET A 343 18.54 -1.97 1.97
CA MET A 343 18.43 -0.85 2.92
C MET A 343 18.82 0.43 2.22
N ALA A 344 18.41 0.56 0.94
CA ALA A 344 18.72 1.75 0.19
C ALA A 344 18.08 2.97 0.83
N PHE A 345 16.96 2.78 1.52
CA PHE A 345 16.25 3.79 2.26
C PHE A 345 16.61 3.77 3.75
N GLY A 346 17.74 3.22 4.10
CA GLY A 346 18.07 3.11 5.50
C GLY A 346 17.32 1.98 6.17
N ARG A 347 17.32 2.03 7.50
CA ARG A 347 16.57 1.08 8.30
C ARG A 347 16.48 1.52 9.74
N GLY A 348 15.27 1.47 10.31
CA GLY A 348 15.04 1.83 11.66
C GLY A 348 14.27 3.13 11.78
N ILE A 349 14.57 3.92 12.80
CA ILE A 349 13.75 5.11 13.05
C ILE A 349 13.99 6.22 12.05
N HIS A 350 15.13 6.21 11.36
CA HIS A 350 15.45 7.23 10.37
C HIS A 350 15.12 6.78 8.92
N PHE A 351 14.34 5.69 8.76
CA PHE A 351 13.95 5.16 7.46
C PHE A 351 13.31 6.24 6.58
N CYS A 352 13.74 6.29 5.33
CA CYS A 352 13.36 7.39 4.45
C CYS A 352 11.86 7.58 4.39
N LEU A 353 11.39 8.75 4.86
CA LEU A 353 9.97 8.97 4.76
C LEU A 353 9.55 9.44 3.38
N GLY A 354 10.47 9.63 2.45
CA GLY A 354 10.08 9.78 1.07
C GLY A 354 10.12 8.54 0.19
N ALA A 355 10.33 7.35 0.74
CA ALA A 355 10.53 6.22 -0.18
C ALA A 355 9.30 6.00 -1.04
N PRO A 356 8.07 6.14 -0.53
CA PRO A 356 6.93 6.03 -1.42
C PRO A 356 6.98 7.03 -2.56
N LEU A 357 7.28 8.31 -2.29
CA LEU A 357 7.34 9.29 -3.37
C LEU A 357 8.45 8.98 -4.34
N ALA A 358 9.63 8.57 -3.86
CA ALA A 358 10.71 8.25 -4.80
C ALA A 358 10.33 7.08 -5.69
N ARG A 359 9.68 6.09 -5.13
CA ARG A 359 9.23 4.95 -5.88
C ARG A 359 8.23 5.27 -6.95
N ILE A 360 7.25 6.13 -6.71
CA ILE A 360 6.30 6.45 -7.76
C ILE A 360 6.89 7.43 -8.70
N GLU A 361 7.78 8.28 -8.25
CA GLU A 361 8.34 9.16 -9.27
C GLU A 361 9.18 8.37 -10.25
N ALA A 362 9.96 7.41 -9.77
CA ALA A 362 10.75 6.60 -10.68
C ALA A 362 9.83 5.78 -11.59
N LYS A 363 8.76 5.21 -11.00
CA LYS A 363 7.89 4.30 -11.74
C LYS A 363 7.21 5.01 -12.90
N ILE A 364 6.65 6.22 -12.63
CA ILE A 364 5.91 6.96 -13.64
C ILE A 364 6.83 7.39 -14.76
N MET A 365 7.92 8.02 -14.42
CA MET A 365 8.84 8.45 -15.47
C MET A 365 9.35 7.26 -16.27
N LEU A 366 9.69 6.16 -15.62
CA LEU A 366 10.30 5.05 -16.35
C LEU A 366 9.28 4.27 -17.18
N ALA A 367 8.05 4.14 -16.68
CA ALA A 367 7.05 3.47 -17.49
C ALA A 367 6.85 4.22 -18.81
N GLU A 368 6.68 5.56 -18.74
CA GLU A 368 6.49 6.39 -19.92
C GLU A 368 7.64 6.27 -20.90
N LEU A 369 8.88 6.33 -20.43
CA LEU A 369 10.04 6.14 -21.31
C LEU A 369 10.01 4.79 -22.00
N ILE A 370 9.69 3.73 -21.24
CA ILE A 370 9.69 2.40 -21.83
C ILE A 370 8.55 2.28 -22.82
N ASP A 371 7.36 2.77 -22.47
CA ASP A 371 6.25 2.78 -23.41
C ASP A 371 6.59 3.48 -24.73
N ARG A 372 7.23 4.65 -24.68
CA ARG A 372 7.38 5.47 -25.87
C ARG A 372 8.58 5.11 -26.72
N TYR A 373 9.62 4.54 -26.15
CA TYR A 373 10.86 4.37 -26.90
C TYR A 373 11.43 2.96 -26.66
N PRO A 374 10.64 1.92 -26.91
CA PRO A 374 11.15 0.56 -26.67
C PRO A 374 12.42 0.19 -27.40
N GLN A 375 12.74 0.83 -28.50
CA GLN A 375 14.01 0.54 -29.15
C GLN A 375 15.11 1.40 -28.62
N MET A 376 14.86 2.11 -27.54
CA MET A 376 15.83 2.95 -26.86
C MET A 376 17.20 2.25 -26.78
N ASP A 377 18.28 3.00 -26.86
CA ASP A 377 19.61 2.39 -26.70
C ASP A 377 20.65 3.50 -26.46
N TRP A 378 21.87 3.09 -26.08
CA TRP A 378 22.90 4.09 -25.81
C TRP A 378 22.99 5.06 -26.98
N SER A 379 23.08 6.33 -26.69
CA SER A 379 23.49 7.22 -27.78
C SER A 379 24.86 6.75 -28.24
N PRO A 380 25.13 6.72 -29.56
CA PRO A 380 26.50 6.47 -29.97
C PRO A 380 27.42 7.60 -29.56
N SER A 381 26.87 8.65 -28.96
CA SER A 381 27.64 9.75 -28.41
C SER A 381 27.87 9.61 -26.90
N PHE A 382 27.50 8.47 -26.30
CA PHE A 382 27.50 8.25 -24.84
C PHE A 382 28.87 8.37 -24.17
N GLU A 383 28.88 8.88 -22.95
CA GLU A 383 30.06 8.85 -22.13
C GLU A 383 29.72 8.46 -20.69
N LEU A 384 30.53 7.57 -20.11
CA LEU A 384 30.38 7.21 -18.71
C LEU A 384 30.94 8.38 -17.93
N LYS A 385 30.08 9.18 -17.34
CA LYS A 385 30.49 10.32 -16.53
C LYS A 385 29.87 10.17 -15.16
N PRO A 386 30.49 9.44 -14.24
CA PRO A 386 29.91 9.30 -12.90
C PRO A 386 30.17 10.50 -12.01
N ILE A 387 29.20 10.71 -11.12
CA ILE A 387 29.33 11.66 -10.06
C ILE A 387 30.58 11.38 -9.27
N GLU A 388 31.33 12.43 -8.95
CA GLU A 388 32.58 12.29 -8.22
C GLU A 388 32.25 12.26 -6.72
N SER A 389 31.84 11.07 -6.26
CA SER A 389 31.43 10.91 -4.86
C SER A 389 31.49 9.45 -4.51
N THR A 390 31.71 9.18 -3.24
CA THR A 390 31.67 7.80 -2.78
C THR A 390 30.40 7.49 -2.03
N PHE A 391 29.75 8.50 -1.46
CA PHE A 391 28.50 8.22 -0.78
C PHE A 391 27.32 8.24 -1.72
N VAL A 392 27.48 8.88 -2.87
CA VAL A 392 26.42 9.13 -3.81
C VAL A 392 26.85 8.48 -5.10
N TYR A 393 25.97 7.63 -5.64
CA TYR A 393 26.29 6.76 -6.76
C TYR A 393 25.28 7.09 -7.87
N GLY A 394 25.79 7.60 -8.98
CA GLY A 394 24.93 8.08 -10.04
C GLY A 394 25.76 8.73 -11.12
N LEU A 395 25.05 9.21 -12.13
CA LEU A 395 25.72 9.69 -13.33
C LEU A 395 25.49 11.19 -13.51
N LYS A 396 26.50 11.92 -14.03
CA LYS A 396 26.31 13.32 -14.37
C LYS A 396 25.48 13.49 -15.64
N GLU A 397 25.68 12.64 -16.64
CA GLU A 397 24.83 12.58 -17.83
C GLU A 397 24.70 11.13 -18.28
N LEU A 398 23.65 10.88 -19.07
CA LEU A 398 23.30 9.54 -19.56
C LEU A 398 22.61 9.74 -20.92
N LEU A 399 23.44 9.77 -21.97
CA LEU A 399 22.98 10.04 -23.33
C LEU A 399 22.36 8.82 -23.98
N ILE A 400 21.13 8.99 -24.46
CA ILE A 400 20.29 7.91 -24.93
C ILE A 400 19.72 8.27 -26.30
N ARG A 401 19.71 7.32 -27.22
CA ARG A 401 19.04 7.49 -28.52
C ARG A 401 17.70 6.76 -28.50
N LYS A 402 16.64 7.47 -28.92
CA LYS A 402 15.29 6.95 -28.83
C LYS A 402 15.04 5.84 -29.84
N ASN A 403 15.61 5.97 -31.05
CA ASN A 403 15.33 5.11 -32.21
C ASN A 403 13.85 5.04 -32.50
N VAL A 404 13.26 6.22 -32.65
CA VAL A 404 11.95 6.41 -33.27
C VAL A 404 12.08 7.28 -34.52
N HIS A 405 13.30 7.50 -34.99
CA HIS A 405 13.61 8.26 -36.20
C HIS A 405 14.32 7.26 -37.15
N GLU B 21 -19.94 -0.38 23.44
CA GLU B 21 -20.55 0.33 22.32
C GLU B 21 -21.60 -0.53 21.65
N ARG B 22 -21.95 -0.13 20.44
CA ARG B 22 -22.90 -0.86 19.65
C ARG B 22 -22.09 -1.89 18.90
N PHE B 23 -20.84 -2.05 19.29
CA PHE B 23 -19.99 -3.02 18.64
C PHE B 23 -20.31 -4.34 19.25
N ASN B 24 -21.50 -4.46 19.84
CA ASN B 24 -21.90 -5.70 20.45
C ASN B 24 -23.37 -5.99 20.28
N PRO B 25 -23.78 -6.35 19.08
CA PRO B 25 -25.19 -6.70 18.92
C PRO B 25 -25.44 -8.11 19.41
N PHE B 26 -24.53 -8.65 20.25
CA PHE B 26 -24.57 -10.03 20.69
C PHE B 26 -25.41 -10.23 21.94
N SER B 27 -25.52 -9.19 22.77
CA SER B 27 -26.42 -9.24 23.92
C SER B 27 -27.86 -9.36 23.46
N TRP B 28 -28.27 -8.46 22.57
CA TRP B 28 -29.59 -8.55 21.98
C TRP B 28 -29.82 -9.92 21.36
N TYR B 29 -28.80 -10.47 20.68
CA TYR B 29 -28.95 -11.78 20.04
C TYR B 29 -29.35 -12.87 21.03
N GLU B 30 -28.75 -12.90 22.20
CA GLU B 30 -29.15 -13.86 23.22
C GLU B 30 -30.58 -13.61 23.70
N GLU B 31 -30.84 -12.40 24.18
CA GLU B 31 -32.19 -12.08 24.64
C GLU B 31 -33.25 -12.54 23.65
N MET B 32 -33.00 -12.38 22.34
CA MET B 32 -34.00 -12.74 21.33
C MET B 32 -34.12 -14.25 21.15
N ARG B 33 -33.00 -14.88 20.81
CA ARG B 33 -32.96 -16.34 20.67
C ARG B 33 -33.57 -17.03 21.86
N ASN B 34 -33.09 -16.66 23.05
CA ASN B 34 -33.54 -17.30 24.27
C ASN B 34 -35.06 -17.34 24.37
N THR B 35 -35.75 -16.38 23.73
CA THR B 35 -37.21 -16.26 23.86
C THR B 35 -37.94 -16.46 22.54
N ALA B 36 -37.76 -15.63 21.51
CA ALA B 36 -38.55 -15.75 20.29
C ALA B 36 -37.62 -15.89 19.11
N PRO B 37 -36.91 -17.02 19.02
CA PRO B 37 -35.89 -17.16 17.98
C PRO B 37 -36.43 -16.93 16.57
N VAL B 38 -37.72 -17.10 16.37
CA VAL B 38 -38.39 -16.68 15.12
C VAL B 38 -39.47 -15.68 15.51
N GLN B 39 -39.30 -14.41 15.15
CA GLN B 39 -40.29 -13.41 15.54
C GLN B 39 -40.50 -12.40 14.41
N TRP B 40 -41.73 -11.96 14.33
CA TRP B 40 -42.12 -10.90 13.43
C TRP B 40 -41.73 -9.56 14.05
N ASP B 41 -41.12 -8.67 13.26
CA ASP B 41 -40.92 -7.27 13.67
C ASP B 41 -41.91 -6.46 12.85
N GLU B 42 -42.85 -5.80 13.54
CA GLU B 42 -43.88 -5.00 12.90
C GLU B 42 -43.28 -3.74 12.27
N GLU B 43 -42.25 -3.20 12.88
CA GLU B 43 -41.54 -2.05 12.34
C GLU B 43 -40.93 -2.36 10.96
N ARG B 44 -40.02 -3.33 10.89
CA ARG B 44 -39.32 -3.60 9.64
C ARG B 44 -40.08 -4.53 8.69
N GLN B 45 -41.18 -5.15 9.10
CA GLN B 45 -41.96 -6.08 8.25
C GLN B 45 -41.16 -7.31 7.81
N VAL B 46 -40.47 -7.92 8.77
CA VAL B 46 -39.70 -9.13 8.48
C VAL B 46 -39.78 -10.13 9.60
N TRP B 47 -39.67 -11.38 9.21
CA TRP B 47 -39.49 -12.48 10.14
C TRP B 47 -38.00 -12.57 10.41
N ASP B 48 -37.59 -12.30 11.64
CA ASP B 48 -36.20 -12.50 11.99
C ASP B 48 -35.99 -13.97 12.42
N VAL B 49 -34.76 -14.47 12.29
CA VAL B 49 -34.44 -15.85 12.69
C VAL B 49 -33.09 -15.85 13.41
N PHE B 50 -33.11 -16.06 14.72
CA PHE B 50 -31.87 -15.92 15.47
C PHE B 50 -31.21 -17.21 15.92
N HIS B 51 -31.47 -18.34 15.29
CA HIS B 51 -30.85 -19.57 15.76
C HIS B 51 -30.43 -20.46 14.66
N TYR B 52 -29.39 -21.20 14.94
CA TYR B 52 -28.78 -22.11 14.00
C TYR B 52 -29.57 -23.04 13.11
N ASP B 53 -30.42 -23.82 13.73
CA ASP B 53 -31.35 -24.68 13.04
C ASP B 53 -32.20 -24.06 11.94
N GLY B 54 -32.69 -22.86 12.16
CA GLY B 54 -33.58 -22.25 11.21
C GLY B 54 -32.86 -21.49 10.16
N VAL B 55 -31.69 -21.01 10.57
CA VAL B 55 -30.86 -20.25 9.70
C VAL B 55 -30.39 -21.28 8.74
N LYS B 56 -30.02 -22.41 9.29
CA LYS B 56 -29.60 -23.48 8.41
C LYS B 56 -30.75 -23.82 7.49
N GLU B 57 -31.97 -23.80 8.02
CA GLU B 57 -33.17 -24.11 7.26
C GLU B 57 -33.52 -23.00 6.28
N VAL B 58 -33.43 -21.73 6.73
CA VAL B 58 -33.75 -20.59 5.87
C VAL B 58 -32.80 -20.58 4.69
N LEU B 59 -31.52 -20.91 4.95
CA LEU B 59 -30.54 -20.89 3.88
C LEU B 59 -30.51 -22.19 3.08
N GLU B 60 -30.72 -23.35 3.69
CA GLU B 60 -30.76 -24.58 2.91
C GLU B 60 -32.02 -24.66 2.04
N GLN B 61 -33.17 -24.17 2.55
CA GLN B 61 -34.46 -24.38 1.88
C GLN B 61 -34.71 -23.45 0.69
N LYS B 62 -33.87 -23.60 -0.34
CA LYS B 62 -33.95 -22.75 -1.52
C LYS B 62 -35.36 -22.65 -2.10
N ASN B 63 -36.09 -23.77 -2.09
CA ASN B 63 -37.42 -23.83 -2.66
C ASN B 63 -38.47 -23.20 -1.74
N ILE B 64 -38.20 -23.10 -0.44
CA ILE B 64 -39.11 -22.42 0.47
C ILE B 64 -38.77 -20.94 0.61
N PHE B 65 -37.47 -20.60 0.68
CA PHE B 65 -37.02 -19.24 0.99
C PHE B 65 -36.20 -18.69 -0.17
N SER B 66 -36.81 -17.80 -0.93
CA SER B 66 -36.22 -17.39 -2.18
C SER B 66 -35.34 -16.16 -1.98
N SER B 67 -34.40 -16.06 -2.89
CA SER B 67 -33.41 -15.00 -2.97
C SER B 67 -33.68 -14.14 -4.19
N ASP B 68 -34.92 -14.15 -4.66
CA ASP B 68 -35.28 -13.37 -5.83
C ASP B 68 -35.49 -11.94 -5.33
N ARG B 69 -34.71 -11.05 -5.92
CA ARG B 69 -34.67 -9.64 -5.62
C ARG B 69 -34.46 -8.85 -6.90
N ARG B 70 -34.87 -9.40 -8.04
CA ARG B 70 -34.74 -8.66 -9.28
C ARG B 70 -35.66 -7.45 -9.21
N PRO B 71 -35.21 -6.30 -9.72
CA PRO B 71 -36.01 -5.09 -9.58
C PRO B 71 -37.24 -5.18 -10.46
N PRO B 72 -38.39 -4.66 -9.99
CA PRO B 72 -39.57 -4.56 -10.86
C PRO B 72 -39.28 -3.76 -12.11
N GLN B 73 -40.15 -3.91 -13.11
CA GLN B 73 -39.90 -3.32 -14.42
C GLN B 73 -39.77 -1.79 -14.33
N ASN B 74 -40.55 -1.14 -13.46
CA ASN B 74 -40.51 0.32 -13.36
C ASN B 74 -39.25 0.85 -12.67
N GLN B 75 -38.38 -0.02 -12.15
CA GLN B 75 -37.12 0.38 -11.53
C GLN B 75 -35.94 0.17 -12.49
N ARG B 76 -34.80 0.73 -12.10
CA ARG B 76 -33.55 0.53 -12.83
C ARG B 76 -33.22 -0.95 -13.00
N GLN B 77 -32.94 -1.35 -14.23
CA GLN B 77 -32.48 -2.71 -14.54
C GLN B 77 -30.96 -2.76 -14.61
N THR B 78 -30.33 -2.93 -13.44
CA THR B 78 -28.87 -3.04 -13.42
C THR B 78 -28.45 -4.48 -13.63
N ALA B 79 -27.25 -4.63 -14.22
CA ALA B 79 -26.69 -5.96 -14.46
C ALA B 79 -26.48 -6.71 -13.16
N LEU B 80 -26.14 -5.99 -12.12
CA LEU B 80 -26.05 -6.50 -10.76
C LEU B 80 -27.39 -7.03 -10.24
N GLY B 81 -28.52 -6.40 -10.63
CA GLY B 81 -29.83 -6.81 -10.12
C GLY B 81 -30.28 -8.20 -10.54
N THR B 82 -29.78 -8.69 -11.67
CA THR B 82 -30.06 -10.00 -12.20
C THR B 82 -28.82 -10.88 -12.11
N SER B 83 -27.92 -10.56 -11.22
CA SER B 83 -26.76 -11.39 -11.01
C SER B 83 -27.07 -12.53 -10.04
N LEU B 84 -26.12 -13.43 -9.96
CA LEU B 84 -26.17 -14.72 -9.27
C LEU B 84 -26.83 -14.72 -7.91
N ILE B 85 -26.61 -13.68 -7.12
CA ILE B 85 -27.04 -13.71 -5.74
C ILE B 85 -28.51 -13.33 -5.60
N ASN B 86 -29.09 -12.84 -6.71
CA ASN B 86 -30.44 -12.29 -6.78
C ASN B 86 -31.34 -13.11 -7.67
N ILE B 87 -30.99 -14.36 -7.90
CA ILE B 87 -31.84 -15.26 -8.65
C ILE B 87 -31.90 -16.59 -7.90
N ASP B 88 -32.93 -17.37 -8.25
CA ASP B 88 -33.18 -18.72 -7.76
C ASP B 88 -32.96 -19.81 -8.81
N PRO B 89 -32.98 -21.08 -8.37
CA PRO B 89 -33.05 -22.14 -9.40
C PRO B 89 -34.33 -22.08 -10.18
N PRO B 90 -34.31 -22.43 -11.47
CA PRO B 90 -33.20 -23.08 -12.17
C PRO B 90 -32.11 -22.19 -12.77
N LYS B 91 -32.37 -20.89 -12.94
CA LYS B 91 -31.41 -20.01 -13.61
C LYS B 91 -30.10 -19.99 -12.83
N HIS B 92 -30.23 -19.99 -11.50
CA HIS B 92 -29.11 -19.91 -10.59
C HIS B 92 -28.06 -20.98 -10.81
N ALA B 93 -28.50 -22.23 -10.82
CA ALA B 93 -27.56 -23.32 -10.98
C ALA B 93 -26.89 -23.26 -12.36
N GLU B 94 -27.63 -22.86 -13.39
CA GLU B 94 -27.03 -22.75 -14.71
C GLU B 94 -25.92 -21.69 -14.70
N MET B 95 -26.15 -20.59 -13.96
CA MET B 95 -25.16 -19.54 -13.85
C MET B 95 -24.04 -19.91 -12.85
N ARG B 96 -24.37 -20.44 -11.66
CA ARG B 96 -23.33 -20.80 -10.69
C ARG B 96 -22.32 -21.80 -11.28
N ALA B 97 -22.82 -22.93 -11.78
CA ALA B 97 -21.99 -23.95 -12.39
C ALA B 97 -21.17 -23.35 -13.51
N LEU B 98 -21.71 -22.36 -14.14
CA LEU B 98 -20.93 -21.73 -15.19
C LEU B 98 -19.82 -20.82 -14.61
N VAL B 99 -20.09 -20.03 -13.54
CA VAL B 99 -19.01 -19.19 -12.95
C VAL B 99 -18.04 -20.02 -12.12
N ASN B 100 -18.51 -21.13 -11.52
CA ASN B 100 -17.65 -22.08 -10.79
C ASN B 100 -16.43 -22.51 -11.60
N LYS B 101 -16.50 -22.40 -12.93
CA LYS B 101 -15.40 -22.68 -13.85
C LYS B 101 -14.22 -21.70 -13.77
N ALA B 102 -14.39 -20.52 -13.17
CA ALA B 102 -13.24 -19.64 -13.01
C ALA B 102 -12.69 -19.67 -11.60
N PHE B 103 -13.35 -20.38 -10.67
CA PHE B 103 -12.88 -20.55 -9.28
C PHE B 103 -12.58 -22.03 -9.05
N THR B 104 -11.49 -22.48 -9.64
CA THR B 104 -11.03 -23.84 -9.50
C THR B 104 -9.75 -23.85 -8.72
N PRO B 105 -9.39 -24.96 -8.08
CA PRO B 105 -8.11 -24.98 -7.37
C PRO B 105 -6.95 -24.59 -8.26
N LYS B 106 -7.07 -24.80 -9.57
CA LYS B 106 -5.97 -24.41 -10.43
C LYS B 106 -5.89 -22.90 -10.60
N ALA B 107 -7.03 -22.21 -10.62
CA ALA B 107 -7.01 -20.74 -10.65
C ALA B 107 -6.38 -20.20 -9.36
N MET B 108 -6.81 -20.73 -8.21
CA MET B 108 -6.28 -20.34 -6.90
C MET B 108 -4.78 -20.50 -6.75
N LYS B 109 -4.20 -21.49 -7.44
CA LYS B 109 -2.76 -21.68 -7.37
C LYS B 109 -2.04 -20.45 -7.87
N ALA B 110 -2.53 -19.88 -8.98
CA ALA B 110 -1.92 -18.73 -9.63
C ALA B 110 -2.25 -17.42 -8.94
N TRP B 111 -3.29 -17.43 -8.10
CA TRP B 111 -3.73 -16.23 -7.40
C TRP B 111 -2.86 -15.98 -6.19
N GLU B 112 -2.52 -17.03 -5.44
CA GLU B 112 -1.72 -16.89 -4.21
C GLU B 112 -0.51 -15.99 -4.36
N PRO B 113 0.37 -16.17 -5.35
CA PRO B 113 1.47 -15.21 -5.50
C PRO B 113 0.99 -13.80 -5.77
N LYS B 114 -0.10 -13.63 -6.52
CA LYS B 114 -0.59 -12.28 -6.80
C LYS B 114 -1.01 -11.61 -5.51
N ILE B 115 -1.59 -12.39 -4.61
CA ILE B 115 -2.01 -11.83 -3.35
C ILE B 115 -0.81 -11.48 -2.47
N ALA B 116 0.25 -12.25 -2.55
CA ALA B 116 1.42 -11.92 -1.77
C ALA B 116 2.13 -10.68 -2.33
N ARG B 117 2.20 -10.54 -3.65
CA ARG B 117 2.82 -9.39 -4.30
C ARG B 117 2.16 -8.11 -3.83
N ILE B 118 0.82 -8.13 -3.84
CA ILE B 118 0.03 -6.99 -3.46
C ILE B 118 0.16 -6.71 -1.97
N THR B 119 0.15 -7.76 -1.15
CA THR B 119 0.35 -7.54 0.26
C THR B 119 1.66 -6.80 0.50
N ASN B 120 2.71 -7.20 -0.23
CA ASN B 120 4.02 -6.60 0.01
C ASN B 120 4.07 -5.16 -0.54
N GLU B 121 3.42 -4.89 -1.67
CA GLU B 121 3.33 -3.52 -2.15
C GLU B 121 2.65 -2.61 -1.14
N LEU B 122 1.61 -3.11 -0.47
CA LEU B 122 0.88 -2.26 0.46
C LEU B 122 1.68 -2.00 1.73
N LEU B 123 2.27 -3.04 2.31
CA LEU B 123 3.09 -2.83 3.48
C LEU B 123 4.25 -1.89 3.16
N GLN B 124 4.79 -1.99 1.96
CA GLN B 124 5.87 -1.11 1.58
C GLN B 124 5.44 0.35 1.56
N GLU B 125 4.20 0.63 1.18
CA GLU B 125 3.73 2.00 1.10
C GLU B 125 3.68 2.67 2.48
N VAL B 126 3.59 1.91 3.57
CA VAL B 126 3.57 2.51 4.89
C VAL B 126 4.75 2.04 5.74
N GLU B 127 5.82 1.60 5.08
CA GLU B 127 7.00 1.12 5.82
C GLU B 127 7.53 2.20 6.71
N HIS B 128 7.50 3.44 6.22
CA HIS B 128 8.08 4.58 6.90
C HIS B 128 7.22 5.10 8.04
N LEU B 129 6.06 4.54 8.29
CA LEU B 129 5.15 4.97 9.35
C LEU B 129 5.14 4.03 10.56
N GLU B 130 5.13 4.61 11.76
CA GLU B 130 5.12 3.80 12.99
C GLU B 130 3.70 3.35 13.34
N ASP B 131 2.71 4.20 13.10
CA ASP B 131 1.30 3.86 13.27
C ASP B 131 0.62 3.69 11.91
N ILE B 132 -0.25 2.68 11.78
CA ILE B 132 -0.92 2.42 10.50
C ILE B 132 -2.38 2.03 10.73
N ASP B 133 -3.27 2.41 9.79
CA ASP B 133 -4.67 2.02 9.81
C ASP B 133 -4.83 0.65 9.11
N ILE B 134 -5.07 -0.42 9.88
CA ILE B 134 -5.24 -1.73 9.24
C ILE B 134 -6.24 -1.67 8.11
N VAL B 135 -7.26 -0.83 8.25
CA VAL B 135 -8.32 -0.70 7.26
C VAL B 135 -7.83 0.11 6.07
N GLU B 136 -7.53 1.39 6.27
CA GLU B 136 -7.27 2.27 5.12
C GLU B 136 -6.03 1.85 4.35
N HIS B 137 -5.03 1.34 5.05
CA HIS B 137 -3.73 1.04 4.47
C HIS B 137 -3.55 -0.42 4.02
N LEU B 138 -4.33 -1.38 4.52
CA LEU B 138 -4.03 -2.77 4.12
C LEU B 138 -5.30 -3.51 3.74
N SER B 139 -6.25 -3.71 4.66
CA SER B 139 -7.39 -4.56 4.36
C SER B 139 -8.40 -3.91 3.41
N TYR B 140 -8.57 -2.59 3.43
CA TYR B 140 -9.43 -1.94 2.44
C TYR B 140 -8.89 -2.13 1.03
N PRO B 141 -7.65 -1.77 0.75
CA PRO B 141 -7.15 -1.85 -0.63
C PRO B 141 -6.88 -3.28 -1.12
N LEU B 142 -6.52 -4.23 -0.25
CA LEU B 142 -6.08 -5.55 -0.72
C LEU B 142 -7.13 -6.23 -1.64
N PRO B 143 -8.41 -6.40 -1.21
CA PRO B 143 -9.38 -7.05 -2.10
C PRO B 143 -9.60 -6.37 -3.40
N VAL B 144 -9.65 -5.04 -3.42
CA VAL B 144 -9.98 -4.33 -4.63
C VAL B 144 -8.96 -4.61 -5.70
N MET B 145 -7.68 -4.54 -5.31
CA MET B 145 -6.55 -4.75 -6.21
C MET B 145 -6.43 -6.22 -6.63
N VAL B 146 -6.63 -7.14 -5.70
CA VAL B 146 -6.69 -8.54 -6.07
C VAL B 146 -7.73 -8.75 -7.15
N ILE B 147 -8.96 -8.29 -6.90
CA ILE B 147 -10.01 -8.71 -7.81
C ILE B 147 -9.79 -8.05 -9.16
N ALA B 148 -9.31 -6.82 -9.18
CA ALA B 148 -9.00 -6.20 -10.46
C ALA B 148 -8.04 -7.05 -11.27
N ASP B 149 -6.99 -7.59 -10.63
CA ASP B 149 -5.97 -8.37 -11.31
C ASP B 149 -6.54 -9.70 -11.79
N ILE B 150 -7.06 -10.47 -10.86
CA ILE B 150 -7.88 -11.63 -11.16
C ILE B 150 -8.81 -11.42 -12.35
N LEU B 151 -9.60 -10.33 -12.36
CA LEU B 151 -10.60 -10.14 -13.41
C LEU B 151 -9.97 -9.85 -14.76
N GLY B 152 -8.79 -9.28 -14.81
CA GLY B 152 -8.17 -8.88 -16.05
C GLY B 152 -8.16 -7.37 -16.34
N VAL B 153 -8.31 -6.54 -15.33
CA VAL B 153 -8.26 -5.10 -15.52
C VAL B 153 -6.82 -4.69 -15.77
N PRO B 154 -6.48 -4.02 -16.87
CA PRO B 154 -5.08 -3.63 -17.06
C PRO B 154 -4.61 -2.67 -16.00
N ILE B 155 -3.29 -2.69 -15.78
CA ILE B 155 -2.61 -1.83 -14.80
C ILE B 155 -3.00 -0.37 -14.97
N GLU B 156 -3.17 0.07 -16.21
CA GLU B 156 -3.43 1.47 -16.50
C GLU B 156 -4.81 1.93 -16.08
N ASP B 157 -5.74 1.00 -15.86
CA ASP B 157 -7.12 1.26 -15.49
C ASP B 157 -7.38 1.02 -14.01
N GLN B 158 -6.37 0.68 -13.24
CA GLN B 158 -6.63 0.26 -11.87
C GLN B 158 -6.85 1.42 -10.90
N ARG B 159 -6.35 2.62 -11.19
CA ARG B 159 -6.73 3.73 -10.32
C ARG B 159 -8.20 4.04 -10.50
N GLN B 160 -8.61 4.21 -11.77
CA GLN B 160 -10.00 4.50 -12.07
C GLN B 160 -10.91 3.38 -11.58
N PHE B 161 -10.42 2.16 -11.64
CA PHE B 161 -11.19 1.04 -11.13
C PHE B 161 -11.32 1.12 -9.62
N LYS B 162 -10.23 1.41 -8.92
CA LYS B 162 -10.36 1.50 -7.47
C LYS B 162 -11.20 2.73 -7.10
N ASP B 163 -11.21 3.77 -7.94
CA ASP B 163 -12.10 4.89 -7.68
C ASP B 163 -13.57 4.47 -7.74
N TRP B 164 -14.00 3.87 -8.86
CA TRP B 164 -15.36 3.32 -8.92
C TRP B 164 -15.68 2.46 -7.72
N SER B 165 -14.73 1.64 -7.28
CA SER B 165 -14.98 0.78 -6.11
C SER B 165 -15.11 1.58 -4.81
N ASP B 166 -14.32 2.65 -4.62
CA ASP B 166 -14.47 3.51 -3.43
C ASP B 166 -15.89 4.11 -3.33
N ILE B 167 -16.46 4.48 -4.47
CA ILE B 167 -17.75 5.15 -4.52
C ILE B 167 -18.86 4.17 -4.25
N ILE B 168 -18.78 2.99 -4.89
CA ILE B 168 -19.89 2.07 -4.93
C ILE B 168 -20.23 1.56 -3.55
N VAL B 169 -19.29 1.60 -2.65
CA VAL B 169 -19.60 1.17 -1.29
C VAL B 169 -19.23 2.24 -0.26
N ALA B 170 -19.18 3.51 -0.68
CA ALA B 170 -18.96 4.53 0.33
C ALA B 170 -20.27 4.86 1.05
N GLY B 171 -20.13 5.45 2.25
CA GLY B 171 -21.26 5.94 3.01
C GLY B 171 -21.32 7.46 2.93
N PRO B 172 -22.42 8.08 3.39
CA PRO B 172 -22.49 9.54 3.34
C PRO B 172 -21.74 10.16 4.50
N SER B 173 -21.07 11.27 4.18
CA SER B 173 -20.32 12.01 5.18
C SER B 173 -21.21 12.49 6.30
N ASN B 174 -22.24 13.26 5.96
CA ASN B 174 -23.15 13.84 6.95
C ASN B 174 -24.55 13.51 6.48
N ASN B 175 -25.55 13.94 7.26
CA ASN B 175 -26.92 13.65 6.88
C ASN B 175 -27.61 14.78 6.15
N GLU B 176 -26.93 15.92 5.94
CA GLU B 176 -27.55 17.00 5.18
C GLU B 176 -28.19 16.43 3.91
N ARG B 177 -29.31 17.04 3.52
CA ARG B 177 -30.08 16.55 2.40
C ARG B 177 -29.26 16.51 1.12
N GLU B 178 -28.39 17.48 0.94
CA GLU B 178 -27.65 17.60 -0.30
C GLU B 178 -26.54 16.56 -0.38
N THR B 179 -25.93 16.15 0.74
CA THR B 179 -24.84 15.17 0.62
C THR B 179 -25.37 13.78 0.31
N LEU B 180 -26.58 13.46 0.75
CA LEU B 180 -27.26 12.24 0.33
C LEU B 180 -27.65 12.29 -1.14
N GLU B 181 -28.21 13.40 -1.62
CA GLU B 181 -28.51 13.51 -3.05
C GLU B 181 -27.27 13.21 -3.88
N LYS B 182 -26.15 13.85 -3.52
CA LYS B 182 -24.95 13.70 -4.34
C LYS B 182 -24.53 12.23 -4.43
N LEU B 183 -24.39 11.58 -3.28
CA LEU B 183 -24.00 10.18 -3.21
C LEU B 183 -24.82 9.26 -4.12
N GLN B 184 -26.14 9.20 -3.91
CA GLN B 184 -26.95 8.37 -4.76
C GLN B 184 -26.70 8.67 -6.23
N GLN B 185 -26.35 9.89 -6.57
CA GLN B 185 -26.08 10.23 -7.95
C GLN B 185 -24.72 9.71 -8.39
N GLU B 186 -23.71 9.89 -7.53
CA GLU B 186 -22.37 9.43 -7.84
C GLU B 186 -22.34 7.89 -7.90
N LYS B 187 -23.15 7.22 -7.07
CA LYS B 187 -23.26 5.78 -7.11
C LYS B 187 -23.86 5.29 -8.43
N MET B 188 -24.93 5.90 -8.92
CA MET B 188 -25.49 5.42 -10.16
C MET B 188 -24.56 5.71 -11.32
N LYS B 189 -23.83 6.83 -11.25
CA LYS B 189 -22.85 7.19 -12.28
C LYS B 189 -21.75 6.13 -12.36
N ALA B 190 -21.26 5.70 -11.19
CA ALA B 190 -20.19 4.73 -11.11
C ALA B 190 -20.63 3.35 -11.62
N ASN B 191 -21.74 2.84 -11.10
CA ASN B 191 -22.23 1.56 -11.57
C ASN B 191 -22.32 1.54 -13.09
N ASP B 192 -22.74 2.66 -13.69
CA ASP B 192 -23.02 2.65 -15.11
C ASP B 192 -21.74 2.80 -15.91
N GLU B 193 -20.81 3.61 -15.41
CA GLU B 193 -19.48 3.70 -15.99
C GLU B 193 -18.77 2.36 -15.92
N LEU B 194 -18.82 1.70 -14.75
CA LEU B 194 -18.32 0.35 -14.60
C LEU B 194 -18.89 -0.59 -15.66
N GLU B 195 -20.21 -0.57 -15.82
CA GLU B 195 -20.83 -1.46 -16.77
C GLU B 195 -20.29 -1.20 -18.17
N THR B 196 -20.23 0.04 -18.59
CA THR B 196 -19.73 0.21 -19.95
C THR B 196 -18.25 -0.16 -20.01
N TYR B 197 -17.51 0.09 -18.91
CA TYR B 197 -16.12 -0.36 -18.82
C TYR B 197 -16.02 -1.85 -19.04
N PHE B 198 -16.77 -2.62 -18.27
CA PHE B 198 -16.70 -4.07 -18.36
C PHE B 198 -17.14 -4.57 -19.73
N TYR B 199 -18.15 -3.93 -20.35
CA TYR B 199 -18.49 -4.34 -21.71
C TYR B 199 -17.28 -4.13 -22.60
N ARG B 200 -16.58 -3.00 -22.45
CA ARG B 200 -15.42 -2.74 -23.29
C ARG B 200 -14.30 -3.75 -23.05
N ILE B 201 -14.00 -4.06 -21.79
CA ILE B 201 -13.06 -5.15 -21.50
C ILE B 201 -13.53 -6.46 -22.12
N ILE B 202 -14.81 -6.77 -22.02
CA ILE B 202 -15.25 -8.06 -22.53
C ILE B 202 -14.98 -8.13 -24.01
N GLU B 203 -15.24 -7.05 -24.73
CA GLU B 203 -14.96 -7.06 -26.15
C GLU B 203 -13.46 -7.22 -26.40
N GLU B 204 -12.64 -6.40 -25.74
CA GLU B 204 -11.19 -6.51 -25.89
C GLU B 204 -10.69 -7.93 -25.63
N LYS B 205 -11.23 -8.62 -24.60
CA LYS B 205 -10.82 -10.00 -24.30
C LYS B 205 -11.51 -11.04 -25.19
N ARG B 206 -12.46 -10.62 -26.02
CA ARG B 206 -13.10 -11.51 -26.99
C ARG B 206 -12.15 -11.74 -28.15
N THR B 207 -11.34 -10.72 -28.47
CA THR B 207 -10.39 -10.78 -29.57
C THR B 207 -8.92 -10.73 -29.14
N ARG B 208 -8.63 -10.78 -27.83
CA ARG B 208 -7.25 -10.77 -27.30
C ARG B 208 -7.28 -11.33 -25.89
N PRO B 209 -7.66 -12.59 -25.69
CA PRO B 209 -7.83 -13.10 -24.34
C PRO B 209 -6.59 -13.02 -23.47
N GLY B 210 -6.71 -13.63 -22.30
CA GLY B 210 -5.69 -13.64 -21.26
C GLY B 210 -6.09 -14.67 -20.24
N ASP B 211 -5.29 -14.74 -19.16
CA ASP B 211 -5.63 -15.62 -18.03
C ASP B 211 -6.29 -14.76 -16.97
N ASP B 212 -7.55 -14.51 -17.18
CA ASP B 212 -8.29 -13.68 -16.27
C ASP B 212 -9.71 -14.23 -16.22
N ILE B 213 -10.40 -13.94 -15.13
CA ILE B 213 -11.74 -14.49 -14.96
C ILE B 213 -12.61 -14.18 -16.18
N ILE B 214 -12.55 -12.97 -16.70
CA ILE B 214 -13.44 -12.62 -17.81
C ILE B 214 -13.20 -13.53 -19.00
N SER B 215 -11.93 -13.69 -19.40
CA SER B 215 -11.60 -14.62 -20.50
C SER B 215 -12.09 -16.06 -20.23
N VAL B 216 -11.88 -16.59 -19.03
CA VAL B 216 -12.44 -17.91 -18.75
C VAL B 216 -13.95 -17.91 -18.95
N LEU B 217 -14.65 -16.89 -18.41
CA LEU B 217 -16.11 -16.82 -18.51
C LEU B 217 -16.59 -16.65 -19.95
N LEU B 218 -15.82 -15.96 -20.78
CA LEU B 218 -16.16 -15.87 -22.19
C LEU B 218 -16.14 -17.23 -22.89
N GLN B 219 -15.26 -18.14 -22.50
CA GLN B 219 -15.13 -19.44 -23.17
C GLN B 219 -15.86 -20.55 -22.47
N ALA B 220 -16.42 -20.31 -21.29
CA ALA B 220 -17.09 -21.39 -20.59
C ALA B 220 -18.38 -21.79 -21.29
N LYS B 221 -18.72 -23.09 -21.17
CA LYS B 221 -19.97 -23.70 -21.65
C LYS B 221 -20.48 -24.70 -20.62
N GLU B 222 -21.80 -24.81 -20.49
CA GLU B 222 -22.40 -25.76 -19.57
C GLU B 222 -23.72 -26.22 -20.19
N GLU B 223 -23.78 -27.51 -20.58
CA GLU B 223 -24.92 -28.08 -21.29
C GLU B 223 -25.22 -27.26 -22.54
N GLY B 224 -24.12 -26.84 -23.21
CA GLY B 224 -24.09 -26.01 -24.42
C GLY B 224 -24.27 -24.50 -24.22
N LYS B 225 -24.70 -24.05 -23.05
CA LYS B 225 -25.12 -22.66 -22.80
C LYS B 225 -23.96 -21.78 -22.31
N GLN B 226 -23.98 -20.49 -22.67
CA GLN B 226 -22.95 -19.53 -22.28
C GLN B 226 -23.53 -18.35 -21.51
N LEU B 227 -22.63 -17.65 -20.83
CA LEU B 227 -22.98 -16.41 -20.16
C LEU B 227 -23.05 -15.31 -21.22
N THR B 228 -24.10 -14.51 -21.16
CA THR B 228 -24.15 -13.34 -22.02
C THR B 228 -23.17 -12.28 -21.54
N ASP B 229 -22.94 -11.28 -22.39
CA ASP B 229 -22.12 -10.17 -21.94
C ASP B 229 -22.71 -9.50 -20.73
N GLU B 230 -24.03 -9.23 -20.74
CA GLU B 230 -24.65 -8.61 -19.58
C GLU B 230 -24.40 -9.43 -18.34
N GLU B 231 -24.57 -10.74 -18.43
CA GLU B 231 -24.43 -11.61 -17.27
C GLU B 231 -23.04 -11.48 -16.69
N ILE B 232 -22.03 -11.42 -17.56
CA ILE B 232 -20.64 -11.33 -17.13
C ILE B 232 -20.38 -10.00 -16.41
N VAL B 233 -20.73 -8.86 -17.08
CA VAL B 233 -20.69 -7.53 -16.46
C VAL B 233 -21.35 -7.56 -15.08
N GLY B 234 -22.52 -8.17 -14.99
CA GLY B 234 -23.20 -8.24 -13.71
C GLY B 234 -22.43 -9.03 -12.69
N PHE B 235 -21.76 -10.13 -13.11
CA PHE B 235 -20.96 -10.98 -12.21
C PHE B 235 -19.62 -10.35 -11.89
N SER B 236 -19.00 -9.62 -12.82
CA SER B 236 -17.83 -8.81 -12.44
C SER B 236 -18.14 -7.86 -11.31
N ILE B 237 -19.20 -7.05 -11.47
CA ILE B 237 -19.57 -6.07 -10.45
C ILE B 237 -19.94 -6.78 -9.14
N LEU B 238 -20.60 -7.93 -9.24
CA LEU B 238 -20.99 -8.67 -8.04
C LEU B 238 -19.77 -9.09 -7.25
N LEU B 239 -18.69 -9.42 -7.95
CA LEU B 239 -17.50 -9.84 -7.21
C LEU B 239 -16.96 -8.68 -6.39
N LEU B 240 -16.84 -7.55 -7.03
CA LEU B 240 -16.42 -6.33 -6.38
C LEU B 240 -17.21 -6.09 -5.11
N ILE B 241 -18.50 -5.90 -5.22
CA ILE B 241 -19.33 -5.65 -4.08
C ILE B 241 -19.26 -6.71 -3.02
N ALA B 242 -19.42 -7.94 -3.43
CA ALA B 242 -19.46 -9.03 -2.49
C ALA B 242 -18.18 -9.40 -1.80
N GLY B 243 -17.07 -9.21 -2.47
CA GLY B 243 -15.78 -9.61 -1.92
C GLY B 243 -14.96 -8.50 -1.28
N ASN B 244 -15.22 -7.22 -1.59
CA ASN B 244 -14.37 -6.13 -1.07
C ASN B 244 -14.57 -5.87 0.43
N GLU B 245 -15.73 -5.34 0.82
CA GLU B 245 -15.98 -5.01 2.23
C GLU B 245 -15.93 -6.22 3.15
N THR B 246 -16.43 -7.38 2.70
CA THR B 246 -16.42 -8.56 3.55
C THR B 246 -14.99 -8.96 3.92
N THR B 247 -14.12 -9.04 2.92
CA THR B 247 -12.73 -9.42 3.15
C THR B 247 -12.00 -8.38 3.99
N THR B 248 -12.21 -7.09 3.64
CA THR B 248 -11.68 -5.99 4.45
C THR B 248 -11.96 -6.22 5.94
N ASN B 249 -13.22 -6.52 6.27
CA ASN B 249 -13.59 -6.64 7.67
C ASN B 249 -13.05 -7.90 8.27
N LEU B 250 -12.93 -8.97 7.49
CA LEU B 250 -12.38 -10.21 8.05
C LEU B 250 -10.96 -9.99 8.53
N ILE B 251 -10.16 -9.26 7.77
CA ILE B 251 -8.81 -8.95 8.22
C ILE B 251 -8.83 -7.98 9.41
N SER B 252 -9.58 -6.87 9.30
CA SER B 252 -9.62 -5.91 10.42
C SER B 252 -10.10 -6.60 11.67
N ASN B 253 -11.21 -7.31 11.55
CA ASN B 253 -11.81 -7.86 12.73
C ASN B 253 -10.88 -8.86 13.37
N THR B 254 -10.07 -9.53 12.55
CA THR B 254 -9.09 -10.46 13.11
C THR B 254 -7.99 -9.73 13.88
N ILE B 255 -7.42 -8.67 13.32
CA ILE B 255 -6.46 -7.90 14.13
C ILE B 255 -7.13 -7.51 15.45
N TYR B 256 -8.36 -7.00 15.38
CA TYR B 256 -9.04 -6.52 16.59
C TYR B 256 -9.14 -7.58 17.65
N CYS B 257 -9.51 -8.81 17.26
CA CYS B 257 -9.61 -9.91 18.22
C CYS B 257 -8.27 -10.21 18.87
N LEU B 258 -7.18 -10.18 18.09
CA LEU B 258 -5.88 -10.51 18.64
C LEU B 258 -5.36 -9.40 19.55
N MET B 259 -5.68 -8.14 19.22
CA MET B 259 -5.35 -7.02 20.09
C MET B 259 -6.21 -6.95 21.35
N GLU B 260 -7.36 -7.62 21.34
CA GLU B 260 -8.24 -7.71 22.51
C GLU B 260 -7.81 -8.87 23.42
N ASP B 261 -7.60 -10.06 22.86
CA ASP B 261 -7.11 -11.24 23.59
C ASP B 261 -5.63 -11.46 23.29
N LYS B 262 -4.77 -10.78 24.05
CA LYS B 262 -3.33 -10.93 23.86
C LYS B 262 -2.89 -12.38 24.00
N ALA B 263 -3.47 -13.11 24.96
CA ALA B 263 -3.09 -14.52 25.17
C ALA B 263 -3.14 -15.29 23.87
N SER B 264 -4.21 -15.11 23.10
CA SER B 264 -4.34 -15.81 21.81
C SER B 264 -3.29 -15.28 20.84
N PHE B 265 -3.09 -13.96 20.82
CA PHE B 265 -2.08 -13.39 19.95
C PHE B 265 -0.73 -14.02 20.25
N GLU B 266 -0.39 -14.13 21.55
CA GLU B 266 0.87 -14.77 21.94
C GLU B 266 0.91 -16.22 21.52
N ARG B 267 -0.19 -16.95 21.70
CA ARG B 267 -0.17 -18.36 21.32
C ARG B 267 0.02 -18.52 19.82
N LEU B 268 -0.55 -17.61 19.03
CA LEU B 268 -0.47 -17.74 17.59
C LEU B 268 0.96 -17.54 17.11
N LYS B 269 1.67 -16.59 17.70
CA LYS B 269 3.05 -16.36 17.29
C LYS B 269 3.90 -17.61 17.51
N ARG B 270 3.59 -18.37 18.57
CA ARG B 270 4.31 -19.60 18.88
C ARG B 270 3.89 -20.79 18.00
N GLU B 271 2.64 -20.85 17.56
CA GLU B 271 2.15 -21.92 16.70
C GLU B 271 1.58 -21.28 15.45
N LYS B 272 2.45 -20.94 14.51
CA LYS B 272 1.99 -20.31 13.29
C LYS B 272 0.85 -21.07 12.62
N GLU B 273 0.91 -22.40 12.62
CA GLU B 273 -0.05 -23.17 11.82
C GLU B 273 -1.47 -23.11 12.39
N LEU B 274 -1.68 -22.46 13.55
CA LEU B 274 -3.03 -22.19 14.02
C LEU B 274 -3.75 -21.11 13.23
N LEU B 275 -3.04 -20.26 12.46
CA LEU B 275 -3.67 -19.09 11.85
C LEU B 275 -4.93 -19.42 11.08
N PRO B 276 -4.95 -20.42 10.16
CA PRO B 276 -6.19 -20.69 9.43
C PRO B 276 -7.37 -20.97 10.33
N SER B 277 -7.17 -21.70 11.41
CA SER B 277 -8.30 -21.98 12.28
C SER B 277 -8.73 -20.74 13.07
N GLY B 278 -7.80 -19.82 13.37
CA GLY B 278 -8.19 -18.57 14.03
C GLY B 278 -8.94 -17.61 13.12
N ILE B 279 -8.60 -17.60 11.84
CA ILE B 279 -9.42 -16.88 10.87
C ILE B 279 -10.86 -17.45 10.87
N GLU B 280 -11.01 -18.79 10.91
CA GLU B 280 -12.33 -19.40 11.02
C GLU B 280 -13.03 -19.01 12.33
N GLU B 281 -12.30 -18.90 13.43
CA GLU B 281 -12.98 -18.50 14.67
C GLU B 281 -13.43 -17.05 14.63
N VAL B 282 -12.70 -16.19 13.88
CA VAL B 282 -13.17 -14.81 13.67
C VAL B 282 -14.37 -14.82 12.76
N LEU B 283 -14.32 -15.60 11.69
CA LEU B 283 -15.52 -15.77 10.88
C LEU B 283 -16.74 -16.12 11.74
N ARG B 284 -16.56 -16.86 12.85
CA ARG B 284 -17.69 -17.17 13.74
C ARG B 284 -18.00 -16.01 14.68
N TYR B 285 -16.97 -15.50 15.34
CA TYR B 285 -17.11 -14.61 16.48
C TYR B 285 -17.45 -13.19 16.06
N ARG B 286 -16.85 -12.72 14.95
CA ARG B 286 -17.00 -11.35 14.46
C ARG B 286 -17.23 -11.41 12.95
N SER B 287 -18.38 -11.89 12.60
CA SER B 287 -18.63 -12.26 11.22
C SER B 287 -18.77 -11.03 10.35
N PRO B 288 -17.99 -10.87 9.30
CA PRO B 288 -18.21 -9.74 8.43
C PRO B 288 -19.66 -9.53 8.07
N VAL B 289 -20.39 -10.61 7.78
CA VAL B 289 -21.80 -10.58 7.43
C VAL B 289 -22.58 -11.22 8.56
N GLN B 290 -23.43 -10.40 9.22
CA GLN B 290 -24.29 -10.79 10.33
C GLN B 290 -25.62 -11.41 9.91
N ALA B 291 -26.14 -11.04 8.75
CA ALA B 291 -27.49 -11.44 8.36
C ALA B 291 -27.65 -11.36 6.85
N LEU B 292 -28.78 -11.90 6.39
CA LEU B 292 -29.12 -11.97 4.97
C LEU B 292 -30.62 -11.68 4.82
N HIS B 293 -31.08 -11.63 3.57
CA HIS B 293 -32.48 -11.42 3.22
C HIS B 293 -33.01 -12.60 2.43
N ARG B 294 -34.22 -13.05 2.78
CA ARG B 294 -34.93 -14.04 1.99
C ARG B 294 -36.39 -13.63 1.92
N ILE B 295 -37.08 -14.08 0.86
CA ILE B 295 -38.54 -13.94 0.79
C ILE B 295 -39.13 -15.37 0.78
N VAL B 296 -40.17 -15.58 1.61
CA VAL B 296 -40.87 -16.84 1.66
C VAL B 296 -41.55 -17.09 0.32
N LYS B 297 -41.33 -18.27 -0.24
CA LYS B 297 -41.84 -18.68 -1.54
C LYS B 297 -43.08 -19.55 -1.44
N GLU B 298 -43.22 -20.25 -0.30
CA GLU B 298 -44.40 -21.04 0.01
C GLU B 298 -44.61 -20.98 1.51
N ASP B 299 -45.86 -20.99 1.92
CA ASP B 299 -46.14 -20.99 3.33
C ASP B 299 -45.37 -22.14 3.96
N VAL B 300 -44.79 -21.91 5.14
CA VAL B 300 -44.22 -23.01 5.91
C VAL B 300 -44.16 -22.58 7.37
N THR B 301 -43.94 -23.55 8.25
CA THR B 301 -43.83 -23.36 9.68
C THR B 301 -42.38 -23.47 10.13
N LEU B 302 -42.01 -22.65 11.12
CA LEU B 302 -40.61 -22.54 11.55
C LEU B 302 -40.59 -22.19 13.03
N ALA B 303 -40.04 -23.09 13.86
CA ALA B 303 -40.13 -22.97 15.32
C ALA B 303 -41.54 -22.54 15.71
N GLY B 304 -42.50 -23.26 15.13
CA GLY B 304 -43.90 -23.06 15.41
C GLY B 304 -44.51 -21.80 14.85
N LYS B 305 -43.88 -21.12 13.91
CA LYS B 305 -44.43 -19.87 13.42
C LYS B 305 -44.83 -20.03 11.96
N LYS B 306 -46.00 -19.49 11.63
CA LYS B 306 -46.65 -19.72 10.34
C LYS B 306 -46.17 -18.63 9.40
N LEU B 307 -45.30 -19.00 8.50
CA LEU B 307 -44.69 -18.07 7.59
C LEU B 307 -45.46 -18.21 6.30
N LYS B 308 -45.93 -17.08 5.77
CA LYS B 308 -46.84 -17.13 4.64
C LYS B 308 -46.13 -16.57 3.41
N ALA B 309 -46.38 -17.20 2.26
CA ALA B 309 -45.78 -16.79 0.99
C ALA B 309 -45.82 -15.26 0.79
N GLY B 310 -44.67 -14.70 0.36
CA GLY B 310 -44.47 -13.28 0.13
C GLY B 310 -43.90 -12.50 1.29
N GLU B 311 -43.92 -13.01 2.51
CA GLU B 311 -43.36 -12.29 3.65
C GLU B 311 -41.82 -12.35 3.63
N HIS B 312 -41.17 -11.35 4.28
CA HIS B 312 -39.71 -11.23 4.25
C HIS B 312 -39.03 -11.86 5.46
N VAL B 313 -37.90 -12.57 5.21
CA VAL B 313 -37.19 -13.34 6.24
C VAL B 313 -35.73 -12.92 6.28
N VAL B 314 -35.23 -12.68 7.51
CA VAL B 314 -33.85 -12.27 7.77
C VAL B 314 -33.21 -13.22 8.77
N PRO B 315 -32.51 -14.26 8.31
CA PRO B 315 -31.76 -15.12 9.24
C PRO B 315 -30.50 -14.43 9.73
N TRP B 316 -30.29 -14.43 11.05
CA TRP B 316 -29.11 -13.78 11.62
C TRP B 316 -28.02 -14.81 11.88
N MET B 317 -27.18 -15.01 10.86
CA MET B 317 -26.00 -15.84 11.00
C MET B 317 -25.13 -15.41 12.16
N GLY B 318 -25.27 -14.16 12.61
CA GLY B 318 -24.39 -13.66 13.64
C GLY B 318 -24.60 -14.32 14.97
N SER B 319 -25.87 -14.55 15.34
CA SER B 319 -26.15 -15.18 16.62
C SER B 319 -26.14 -16.68 16.49
N ALA B 320 -26.69 -17.16 15.38
CA ALA B 320 -26.57 -18.59 15.10
C ALA B 320 -25.15 -19.06 15.38
N HIS B 321 -24.17 -18.16 15.23
CA HIS B 321 -22.76 -18.39 15.52
C HIS B 321 -22.47 -18.34 17.01
N ARG B 322 -23.46 -17.97 17.83
CA ARG B 322 -23.31 -17.91 19.29
C ARG B 322 -24.36 -18.76 20.02
N ASP B 323 -24.98 -19.67 19.27
CA ASP B 323 -25.93 -20.68 19.74
C ASP B 323 -25.14 -21.81 20.40
N ALA B 324 -25.27 -21.97 21.74
CA ALA B 324 -24.47 -22.97 22.45
C ALA B 324 -24.77 -24.40 21.99
N GLU B 325 -25.97 -24.68 21.45
CA GLU B 325 -26.27 -26.04 21.00
C GLU B 325 -25.22 -26.57 20.00
N TYR B 326 -24.51 -25.66 19.31
CA TYR B 326 -23.50 -26.00 18.30
C TYR B 326 -22.09 -25.45 18.59
N PHE B 327 -21.94 -24.53 19.57
CA PHE B 327 -20.68 -23.82 19.88
C PHE B 327 -20.50 -23.76 21.40
N GLU B 328 -19.63 -24.63 21.93
CA GLU B 328 -19.32 -24.61 23.35
C GLU B 328 -18.72 -23.25 23.76
N ASP B 329 -19.19 -22.70 24.87
CA ASP B 329 -18.75 -21.39 25.35
C ASP B 329 -18.83 -20.36 24.19
N PRO B 330 -20.02 -20.19 23.62
CA PRO B 330 -20.15 -19.25 22.49
C PRO B 330 -19.58 -17.86 22.73
N GLU B 331 -19.58 -17.36 23.96
CA GLU B 331 -19.09 -16.00 24.21
C GLU B 331 -17.57 -15.94 24.38
N VAL B 332 -16.85 -16.99 23.99
CA VAL B 332 -15.39 -17.08 24.18
C VAL B 332 -14.67 -17.17 22.84
N PHE B 333 -13.49 -16.52 22.77
CA PHE B 333 -12.65 -16.55 21.58
C PHE B 333 -11.54 -17.60 21.73
N LYS B 334 -11.61 -18.64 20.92
CA LYS B 334 -10.77 -19.83 20.98
C LYS B 334 -10.19 -20.10 19.60
N ILE B 335 -8.91 -19.79 19.42
CA ILE B 335 -8.30 -19.81 18.09
C ILE B 335 -8.08 -21.24 17.58
N ASP B 336 -8.34 -22.24 18.41
CA ASP B 336 -8.25 -23.63 17.97
C ASP B 336 -9.61 -24.30 17.83
N ARG B 337 -10.69 -23.51 17.96
CA ARG B 337 -12.05 -24.04 18.04
C ARG B 337 -12.26 -25.19 17.05
N LYS B 338 -12.82 -26.28 17.56
CA LYS B 338 -13.08 -27.48 16.81
C LYS B 338 -14.17 -28.07 17.66
N PRO B 339 -15.30 -28.45 17.04
CA PRO B 339 -15.71 -28.11 15.67
C PRO B 339 -16.12 -26.62 15.57
N ASN B 340 -16.18 -26.13 14.33
CA ASN B 340 -16.46 -24.72 14.09
C ASN B 340 -17.25 -24.64 12.79
N VAL B 341 -18.51 -25.05 12.87
CA VAL B 341 -19.39 -25.17 11.71
C VAL B 341 -20.20 -23.89 11.52
N HIS B 342 -19.52 -22.74 11.45
CA HIS B 342 -20.18 -21.46 11.20
C HIS B 342 -20.74 -21.41 9.78
N MET B 343 -21.66 -20.47 9.55
CA MET B 343 -22.23 -20.12 8.23
C MET B 343 -21.95 -18.67 7.85
N ALA B 344 -20.75 -18.19 8.20
CA ALA B 344 -20.31 -16.88 7.77
C ALA B 344 -20.30 -16.77 6.27
N PHE B 345 -20.14 -17.89 5.56
CA PHE B 345 -20.17 -17.84 4.11
C PHE B 345 -21.50 -18.27 3.54
N GLY B 346 -22.53 -18.25 4.38
CA GLY B 346 -23.83 -18.77 3.98
C GLY B 346 -23.90 -20.30 4.09
N ARG B 347 -24.90 -20.84 3.43
CA ARG B 347 -25.03 -22.29 3.36
C ARG B 347 -26.07 -22.67 2.33
N GLY B 348 -25.71 -23.57 1.43
CA GLY B 348 -26.64 -23.99 0.42
C GLY B 348 -26.14 -23.62 -0.93
N ILE B 349 -27.09 -23.40 -1.83
CA ILE B 349 -26.68 -23.11 -3.19
C ILE B 349 -26.06 -21.74 -3.34
N HIS B 350 -26.25 -20.84 -2.36
CA HIS B 350 -25.67 -19.51 -2.43
C HIS B 350 -24.76 -19.83 -1.23
N PHE B 351 -23.51 -20.25 -1.47
CA PHE B 351 -22.55 -20.57 -0.40
C PHE B 351 -21.48 -19.73 -1.06
N CYS B 352 -20.78 -18.90 -0.25
CA CYS B 352 -19.88 -17.92 -0.84
C CYS B 352 -18.89 -18.51 -1.82
N LEU B 353 -19.07 -18.19 -3.10
CA LEU B 353 -18.14 -18.58 -4.15
C LEU B 353 -16.72 -18.07 -3.94
N GLY B 354 -16.54 -17.02 -3.14
CA GLY B 354 -15.23 -16.47 -2.86
C GLY B 354 -14.63 -16.91 -1.55
N ALA B 355 -15.21 -17.91 -0.88
CA ALA B 355 -14.67 -18.27 0.43
C ALA B 355 -13.23 -18.76 0.33
N PRO B 356 -12.82 -19.48 -0.73
CA PRO B 356 -11.38 -19.81 -0.85
C PRO B 356 -10.52 -18.57 -0.98
N LEU B 357 -10.88 -17.69 -1.90
CA LEU B 357 -10.13 -16.46 -2.10
C LEU B 357 -10.09 -15.63 -0.84
N ALA B 358 -11.21 -15.56 -0.12
CA ALA B 358 -11.27 -14.77 1.10
C ALA B 358 -10.30 -15.27 2.16
N ARG B 359 -10.33 -16.57 2.42
CA ARG B 359 -9.47 -17.19 3.42
C ARG B 359 -8.00 -17.04 3.11
N ILE B 360 -7.63 -17.18 1.83
CA ILE B 360 -6.25 -17.03 1.45
C ILE B 360 -5.83 -15.53 1.50
N GLU B 361 -6.72 -14.59 1.17
CA GLU B 361 -6.33 -13.18 1.28
C GLU B 361 -6.04 -12.83 2.74
N ALA B 362 -6.89 -13.33 3.62
CA ALA B 362 -6.74 -13.03 5.04
C ALA B 362 -5.49 -13.68 5.59
N LYS B 363 -5.21 -14.92 5.18
CA LYS B 363 -4.08 -15.65 5.74
C LYS B 363 -2.79 -15.00 5.34
N ILE B 364 -2.67 -14.64 4.07
CA ILE B 364 -1.44 -14.05 3.56
C ILE B 364 -1.17 -12.72 4.22
N MET B 365 -2.13 -11.81 4.16
CA MET B 365 -1.97 -10.49 4.76
C MET B 365 -1.69 -10.60 6.26
N LEU B 366 -2.42 -11.46 6.96
CA LEU B 366 -2.24 -11.49 8.41
C LEU B 366 -0.92 -12.15 8.82
N ALA B 367 -0.52 -13.23 8.12
CA ALA B 367 0.75 -13.88 8.41
C ALA B 367 1.89 -12.91 8.28
N GLU B 368 1.88 -12.12 7.22
CA GLU B 368 2.88 -11.06 7.03
C GLU B 368 2.85 -10.04 8.17
N LEU B 369 1.65 -9.54 8.51
CA LEU B 369 1.57 -8.57 9.61
C LEU B 369 2.12 -9.15 10.91
N ILE B 370 1.78 -10.40 11.20
CA ILE B 370 2.22 -11.01 12.44
C ILE B 370 3.73 -11.23 12.44
N ASP B 371 4.28 -11.74 11.34
CA ASP B 371 5.72 -11.94 11.20
C ASP B 371 6.47 -10.61 11.38
N ARG B 372 5.92 -9.52 10.86
CA ARG B 372 6.72 -8.31 10.80
C ARG B 372 6.66 -7.48 12.05
N TYR B 373 5.54 -7.50 12.75
CA TYR B 373 5.29 -6.60 13.85
C TYR B 373 4.72 -7.39 15.01
N PRO B 374 5.48 -8.37 15.52
CA PRO B 374 5.02 -9.14 16.69
C PRO B 374 4.73 -8.26 17.93
N GLN B 375 5.30 -7.07 18.06
CA GLN B 375 5.02 -6.16 19.18
C GLN B 375 3.81 -5.27 18.95
N MET B 376 3.09 -5.48 17.84
CA MET B 376 1.90 -4.73 17.46
C MET B 376 0.97 -4.50 18.66
N ASP B 377 0.35 -3.32 18.71
CA ASP B 377 -0.58 -3.02 19.80
C ASP B 377 -1.37 -1.79 19.41
N TRP B 378 -2.44 -1.52 20.18
CA TRP B 378 -3.30 -0.37 19.89
C TRP B 378 -2.45 0.89 19.81
N SER B 379 -2.68 1.66 18.79
CA SER B 379 -2.10 2.98 18.74
C SER B 379 -2.72 3.86 19.83
N PRO B 380 -1.95 4.69 20.46
CA PRO B 380 -2.55 5.62 21.43
C PRO B 380 -3.54 6.59 20.82
N SER B 381 -3.70 6.58 19.50
CA SER B 381 -4.72 7.36 18.83
C SER B 381 -5.95 6.53 18.44
N PHE B 382 -6.03 5.29 18.91
CA PHE B 382 -7.13 4.42 18.51
C PHE B 382 -8.49 4.91 19.02
N GLU B 383 -9.49 4.77 18.16
CA GLU B 383 -10.89 5.02 18.48
C GLU B 383 -11.70 3.87 17.92
N LEU B 384 -12.74 3.46 18.63
CA LEU B 384 -13.46 2.26 18.23
C LEU B 384 -14.11 2.42 16.85
N LYS B 385 -15.00 3.36 16.71
CA LYS B 385 -15.64 3.68 15.42
C LYS B 385 -16.18 2.49 14.61
N PRO B 386 -17.31 1.87 14.94
CA PRO B 386 -17.82 0.75 14.11
C PRO B 386 -18.57 1.21 12.88
N ILE B 387 -18.56 0.36 11.84
CA ILE B 387 -19.40 0.62 10.68
C ILE B 387 -20.85 0.77 11.12
N GLU B 388 -21.55 1.74 10.52
CA GLU B 388 -22.93 2.03 10.92
C GLU B 388 -23.87 1.08 10.18
N SER B 389 -23.93 -0.13 10.70
CA SER B 389 -24.73 -1.12 10.04
C SER B 389 -24.94 -2.27 11.00
N THR B 390 -26.06 -2.94 10.82
CA THR B 390 -26.43 -4.09 11.62
C THR B 390 -26.23 -5.43 10.92
N PHE B 391 -26.28 -5.42 9.58
CA PHE B 391 -25.99 -6.54 8.72
C PHE B 391 -24.49 -6.68 8.45
N VAL B 392 -23.72 -5.60 8.60
CA VAL B 392 -22.29 -5.58 8.33
C VAL B 392 -21.62 -5.25 9.64
N TYR B 393 -20.63 -6.03 10.01
CA TYR B 393 -19.98 -5.95 11.30
C TYR B 393 -18.49 -5.79 11.06
N GLY B 394 -17.94 -4.66 11.50
CA GLY B 394 -16.57 -4.31 11.23
C GLY B 394 -16.34 -2.86 11.59
N LEU B 395 -15.11 -2.42 11.37
CA LEU B 395 -14.59 -1.15 11.85
C LEU B 395 -14.25 -0.20 10.70
N LYS B 396 -14.50 1.10 10.89
CA LYS B 396 -14.16 2.09 9.87
C LYS B 396 -12.68 2.38 9.84
N GLU B 397 -12.03 2.28 10.99
CA GLU B 397 -10.58 2.34 11.13
C GLU B 397 -10.17 1.47 12.32
N LEU B 398 -8.89 1.13 12.32
CA LEU B 398 -8.27 0.29 13.33
C LEU B 398 -6.79 0.67 13.37
N LEU B 399 -6.48 1.73 14.15
CA LEU B 399 -5.14 2.28 14.30
C LEU B 399 -4.27 1.45 15.19
N ILE B 400 -3.11 1.09 14.67
CA ILE B 400 -2.22 0.10 15.26
C ILE B 400 -0.79 0.62 15.20
N ARG B 401 -0.07 0.45 16.30
CA ARG B 401 1.35 0.80 16.40
C ARG B 401 2.23 -0.41 16.24
N LYS B 402 3.21 -0.30 15.36
CA LYS B 402 4.01 -1.46 15.00
C LYS B 402 4.88 -1.95 16.16
N ASN B 403 5.53 -1.02 16.87
CA ASN B 403 6.50 -1.31 17.93
C ASN B 403 7.60 -2.29 17.45
N VAL B 404 8.31 -1.88 16.39
CA VAL B 404 9.41 -2.65 15.82
C VAL B 404 10.63 -2.74 16.74
N HIS B 405 11.28 -3.94 16.78
CA HIS B 405 12.54 -4.23 17.56
C HIS B 405 13.71 -4.92 16.81
CHA HEM C . 16.09 9.50 5.07
CHB HEM C . 17.74 7.52 0.96
CHC HEM C . 14.32 9.91 -1.53
CHD HEM C . 13.29 12.48 2.45
C1A HEM C . 16.80 8.72 4.20
C2A HEM C . 17.74 7.69 4.57
C3A HEM C . 18.20 7.19 3.41
C4A HEM C . 17.54 7.83 2.31
CMA HEM C . 19.25 6.11 3.22
CAA HEM C . 18.23 7.32 5.99
CBA HEM C . 19.23 8.39 6.42
CGA HEM C . 19.87 8.12 7.73
O1A HEM C . 19.45 7.22 8.51
O2A HEM C . 20.80 8.92 7.99
C1B HEM C . 16.90 7.92 -0.10
C2B HEM C . 16.87 7.37 -1.47
C3B HEM C . 15.94 8.07 -2.13
C4B HEM C . 15.34 9.03 -1.23
CMB HEM C . 17.78 6.17 -1.96
CAB HEM C . 15.44 7.92 -3.59
CBB HEM C . 15.69 6.89 -4.40
C1C HEM C . 13.70 10.79 -0.66
C2C HEM C . 12.62 11.71 -1.00
C3C HEM C . 12.35 12.39 0.15
C4C HEM C . 13.25 11.99 1.16
CMC HEM C . 11.96 11.69 -2.42
CAC HEM C . 11.32 13.49 0.47
CBC HEM C . 10.66 14.09 -0.49
C1D HEM C . 13.96 11.90 3.52
C2D HEM C . 13.95 12.35 4.88
C3D HEM C . 14.71 11.51 5.62
C4D HEM C . 15.25 10.52 4.71
CMD HEM C . 13.18 13.56 5.40
CAD HEM C . 15.05 11.60 7.14
CBD HEM C . 14.21 10.66 8.00
CGD HEM C . 14.64 10.74 9.45
O1D HEM C . 13.73 10.51 10.31
O2D HEM C . 15.85 11.00 9.71
NA HEM C . 16.69 8.76 2.84
NB HEM C . 15.96 8.93 -0.01
NC HEM C . 14.07 11.01 0.64
ND HEM C . 14.77 10.78 3.45
FE HEM C . 15.17 9.65 1.73
CHA HEM D . -22.06 -15.02 -1.41
CHB HEM D . -20.03 -13.91 2.77
CHC HEM D . -15.95 -13.09 0.34
CHD HEM D . -18.24 -13.46 -3.75
C1A HEM D . -21.86 -14.86 -0.07
C2A HEM D . -22.86 -15.11 0.99
C3A HEM D . -22.27 -14.80 2.16
C4A HEM D . -20.93 -14.35 1.85
CMA HEM D . -22.85 -14.92 3.57
CAA HEM D . -24.31 -15.71 0.86
CBA HEM D . -25.30 -14.87 0.04
CGA HEM D . -26.73 -15.39 0.07
O1A HEM D . -26.96 -16.46 0.75
O2A HEM D . -27.66 -14.73 -0.54
C1B HEM D . -18.76 -13.60 2.46
C2B HEM D . -17.76 -13.26 3.43
C3B HEM D . -16.62 -13.03 2.74
C4B HEM D . -16.90 -13.22 1.33
CMB HEM D . -18.09 -13.25 4.93
CAB HEM D . -15.19 -12.64 3.21
CBB HEM D . -14.83 -12.71 4.51
C1C HEM D . -16.18 -13.09 -1.00
C2C HEM D . -15.25 -12.85 -2.10
C3C HEM D . -15.93 -12.94 -3.23
C4C HEM D . -17.26 -13.24 -2.85
CMC HEM D . -13.76 -12.52 -1.91
CAC HEM D . -15.56 -12.81 -4.72
CBC HEM D . -14.38 -12.39 -5.17
C1D HEM D . -19.47 -13.99 -3.49
C2D HEM D . -20.42 -14.34 -4.51
C3D HEM D . -21.50 -14.77 -3.85
C4D HEM D . -21.23 -14.67 -2.41
CMD HEM D . -20.19 -14.21 -6.05
CAD HEM D . -22.80 -15.25 -4.53
CBD HEM D . -22.92 -16.76 -4.58
CGD HEM D . -24.23 -17.25 -5.19
O1D HEM D . -24.20 -18.36 -5.79
O2D HEM D . -25.31 -16.58 -5.13
NA HEM D . -20.71 -14.39 0.52
NB HEM D . -18.23 -13.58 1.21
NC HEM D . -17.42 -13.32 -1.52
ND HEM D . -19.98 -14.20 -2.22
FE HEM D . -19.10 -13.93 -0.49
#